data_6XAG
#
_entry.id   6XAG
#
_cell.length_a   61.504
_cell.length_b   115.752
_cell.length_c   153.092
_cell.angle_alpha   90.000
_cell.angle_beta   90.000
_cell.angle_gamma   90.000
#
_symmetry.space_group_name_H-M   'P 21 21 21'
#
loop_
_entity.id
_entity.type
_entity.pdbx_description
1 polymer '14-3-3 protein zeta/delta'
2 polymer 'Serine/threonine-protein kinase B-raf'
3 non-polymer 1,2-ETHANEDIOL
#
loop_
_entity_poly.entity_id
_entity_poly.type
_entity_poly.pdbx_seq_one_letter_code
_entity_poly.pdbx_strand_id
1 'polypeptide(L)'
;GSMDKNELVQKAKLAEQAERYDDMAACMKSVTEQGAELSNEERNLLSVAYKNVVGARRSSWRVVSSIEQKTEGAEKKQQM
AREYREKIETELRDICNDVLSLLEKFLIPNASQAESKVFYLKMKGDYYRYLAEVAAGDDKKGIVDQSQQAYQEAFEISKK
EMQPTHPIRLGLALNFSVFYYEILNSPEKACSLAKTAFDEAIAELDTLSEESYKDSTLIMQLLRDNLTLWTS
;
A,B
2 'polypeptide(L)'
;GSDDWEIPDGQITVGQRIGSGSFGTVYKGKWHGDVAVKMLNVTAPTPQQLQAFKNEVGVLRKTRHVNILLFMGYSTKPQL
AIVTQWCEGSSLYHHLHASETKFEMKKLIDIARQTARGMDYLHAKSIIHRDLKSNNIFLHEDNTVKIGDFGLATVKSRWS
GSHQFEQLSGSILWMAPEVIRMQDSNPYSFQSDVYAFGIVLYELMTGQLPYSNINNRDQIIEMVGRGSLSPDLSKVRSNC
PKRMKRLMAECLKKKRDERPSFPRILAEIEELARELPKIHRSA(SEP)EPSLNR
;
C,D
#
# COMPACT_ATOMS: atom_id res chain seq x y z
N MET A 3 26.91 31.48 10.60
CA MET A 3 25.99 32.60 10.63
C MET A 3 25.43 32.87 9.23
N ASP A 4 26.25 32.60 8.22
CA ASP A 4 25.95 33.04 6.87
C ASP A 4 24.66 32.40 6.37
N LYS A 5 23.94 33.14 5.52
CA LYS A 5 22.67 32.63 5.01
C LYS A 5 22.86 31.30 4.29
N ASN A 6 23.94 31.19 3.51
CA ASN A 6 24.19 29.95 2.79
C ASN A 6 24.62 28.83 3.73
N GLU A 7 25.34 29.16 4.81
CA GLU A 7 25.68 28.13 5.78
C GLU A 7 24.44 27.62 6.49
N LEU A 8 23.48 28.51 6.74
CA LEU A 8 22.23 28.08 7.39
C LEU A 8 21.40 27.21 6.45
N VAL A 9 21.36 27.57 5.16
CA VAL A 9 20.64 26.74 4.20
C VAL A 9 21.28 25.36 4.07
N GLN A 10 22.61 25.32 4.07
CA GLN A 10 23.30 24.03 3.94
C GLN A 10 23.10 23.17 5.20
N LYS A 11 23.17 23.77 6.38
CA LYS A 11 22.94 22.97 7.58
C LYS A 11 21.48 22.56 7.66
N ALA A 12 20.58 23.36 7.10
CA ALA A 12 19.18 22.97 7.00
C ALA A 12 19.02 21.73 6.13
N LYS A 13 19.70 21.70 4.98
CA LYS A 13 19.64 20.50 4.13
C LYS A 13 20.25 19.30 4.84
N LEU A 14 21.30 19.53 5.64
CA LEU A 14 21.92 18.43 6.35
C LEU A 14 21.01 17.91 7.46
N ALA A 15 20.29 18.81 8.12
CA ALA A 15 19.27 18.40 9.09
C ALA A 15 18.13 17.66 8.40
N GLU A 16 17.79 18.04 7.18
CA GLU A 16 16.79 17.30 6.41
C GLU A 16 17.26 15.89 6.11
N GLN A 17 18.55 15.72 5.82
CA GLN A 17 19.03 14.39 5.49
C GLN A 17 19.09 13.48 6.72
N ALA A 18 19.36 14.05 7.90
CA ALA A 18 19.38 13.29 9.15
C ALA A 18 18.01 13.20 9.81
N GLU A 19 16.96 13.73 9.18
CA GLU A 19 15.61 13.70 9.73
C GLU A 19 15.55 14.31 11.13
N ARG A 20 16.23 15.44 11.30
CA ARG A 20 16.16 16.25 12.52
C ARG A 20 15.47 17.54 12.06
N TYR A 21 14.14 17.48 12.02
CA TYR A 21 13.35 18.55 11.44
C TYR A 21 13.31 19.79 12.31
N ASP A 22 13.50 19.62 13.62
CA ASP A 22 13.61 20.79 14.50
C ASP A 22 14.83 21.65 14.16
N ASP A 23 15.96 21.00 13.85
CA ASP A 23 17.14 21.78 13.47
C ASP A 23 16.94 22.49 12.14
N MET A 24 16.37 21.80 11.15
CA MET A 24 16.10 22.44 9.87
C MET A 24 15.14 23.61 10.03
N ALA A 25 14.13 23.44 10.88
CA ALA A 25 13.18 24.52 11.14
C ALA A 25 13.89 25.72 11.75
N ALA A 26 14.77 25.49 12.74
CA ALA A 26 15.50 26.60 13.33
C ALA A 26 16.37 27.32 12.30
N CYS A 27 17.07 26.55 11.46
CA CYS A 27 17.91 27.15 10.43
C CYS A 27 17.09 28.00 9.48
N MET A 28 15.96 27.47 9.00
CA MET A 28 15.14 28.22 8.06
C MET A 28 14.49 29.44 8.72
N LYS A 29 14.15 29.33 10.01
CA LYS A 29 13.62 30.49 10.73
C LYS A 29 14.66 31.60 10.79
N SER A 30 15.93 31.25 11.01
CA SER A 30 16.98 32.25 10.97
C SER A 30 17.09 32.87 9.57
N VAL A 31 17.05 32.02 8.54
CA VAL A 31 17.18 32.53 7.18
C VAL A 31 16.05 33.50 6.85
N THR A 32 14.81 33.19 7.26
CA THR A 32 13.73 34.12 6.96
C THR A 32 13.78 35.35 7.86
N GLU A 33 14.34 35.23 9.08
CA GLU A 33 14.46 36.40 9.92
C GLU A 33 15.54 37.34 9.44
N GLN A 34 16.38 36.91 8.48
CA GLN A 34 17.36 37.83 7.94
C GLN A 34 16.69 38.97 7.16
N GLY A 35 15.47 38.76 6.66
CA GLY A 35 14.66 39.80 6.05
C GLY A 35 14.58 39.77 4.53
N ALA A 36 15.46 39.04 3.86
CA ALA A 36 15.47 38.99 2.41
C ALA A 36 14.43 38.02 1.86
N GLU A 37 13.99 38.27 0.63
CA GLU A 37 13.07 37.35 -0.02
C GLU A 37 13.72 35.99 -0.20
N LEU A 38 12.96 34.94 0.12
CA LEU A 38 13.55 33.62 0.04
C LEU A 38 13.56 33.13 -1.41
N SER A 39 14.47 32.22 -1.70
CA SER A 39 14.49 31.57 -3.00
C SER A 39 13.43 30.47 -3.02
N ASN A 40 13.24 29.85 -4.19
CA ASN A 40 12.26 28.77 -4.26
C ASN A 40 12.71 27.60 -3.41
N GLU A 41 14.00 27.27 -3.46
CA GLU A 41 14.54 26.19 -2.63
C GLU A 41 14.44 26.54 -1.16
N GLU A 42 14.78 27.78 -0.79
CA GLU A 42 14.71 28.18 0.61
C GLU A 42 13.27 28.16 1.11
N ARG A 43 12.34 28.62 0.26
CA ARG A 43 10.92 28.56 0.56
C ARG A 43 10.48 27.13 0.82
N ASN A 44 10.89 26.20 -0.06
CA ASN A 44 10.44 24.83 0.07
C ASN A 44 11.09 24.14 1.27
N LEU A 45 12.33 24.50 1.60
CA LEU A 45 12.95 23.93 2.79
C LEU A 45 12.25 24.40 4.05
N LEU A 46 11.89 25.69 4.11
CA LEU A 46 11.15 26.17 5.27
C LEU A 46 9.80 25.47 5.39
N SER A 47 9.10 25.34 4.25
CA SER A 47 7.80 24.69 4.25
C SER A 47 7.91 23.25 4.73
N VAL A 48 8.82 22.47 4.14
CA VAL A 48 9.00 21.08 4.54
C VAL A 48 9.35 20.98 6.02
N ALA A 49 10.26 21.83 6.49
CA ALA A 49 10.70 21.75 7.87
C ALA A 49 9.54 21.96 8.82
N TYR A 50 8.81 23.07 8.66
CA TYR A 50 7.75 23.31 9.63
C TYR A 50 6.58 22.36 9.43
N LYS A 51 6.36 21.87 8.20
CA LYS A 51 5.28 20.91 8.01
C LYS A 51 5.58 19.61 8.74
N ASN A 52 6.84 19.17 8.75
CA ASN A 52 7.17 17.96 9.50
C ASN A 52 7.10 18.22 10.99
N VAL A 53 7.63 19.36 11.43
CA VAL A 53 7.63 19.71 12.86
C VAL A 53 6.20 19.70 13.39
N VAL A 54 5.28 20.32 12.65
CA VAL A 54 3.90 20.41 13.11
C VAL A 54 3.15 19.10 12.87
N GLY A 55 3.53 18.33 11.84
CA GLY A 55 2.85 17.07 11.58
C GLY A 55 3.07 16.05 12.67
N ALA A 56 4.28 16.00 13.23
CA ALA A 56 4.51 15.10 14.36
C ALA A 56 3.54 15.39 15.48
N ARG A 57 3.32 16.68 15.77
CA ARG A 57 2.43 17.07 16.86
C ARG A 57 0.99 16.82 16.50
N ARG A 58 0.61 17.07 15.24
CA ARG A 58 -0.75 16.78 14.79
C ARG A 58 -1.08 15.30 14.96
N SER A 59 -0.16 14.43 14.55
CA SER A 59 -0.39 12.99 14.68
C SER A 59 -0.51 12.59 16.14
N SER A 60 0.42 13.07 16.98
CA SER A 60 0.35 12.72 18.40
C SER A 60 -0.93 13.26 19.03
N TRP A 61 -1.32 14.49 18.67
CA TRP A 61 -2.56 15.07 19.18
C TRP A 61 -3.75 14.21 18.80
N ARG A 62 -3.82 13.77 17.54
CA ARG A 62 -4.94 12.93 17.13
C ARG A 62 -4.99 11.66 17.97
N VAL A 63 -3.81 11.04 18.18
CA VAL A 63 -3.76 9.79 18.93
C VAL A 63 -4.28 10.00 20.35
N VAL A 64 -3.75 11.01 21.04
CA VAL A 64 -4.12 11.14 22.44
C VAL A 64 -5.54 11.72 22.59
N SER A 65 -6.01 12.51 21.62
CA SER A 65 -7.40 12.94 21.64
C SER A 65 -8.34 11.76 21.52
N SER A 66 -8.08 10.88 20.55
CA SER A 66 -8.86 9.66 20.40
C SER A 66 -8.85 8.85 21.69
N ILE A 67 -7.68 8.68 22.30
CA ILE A 67 -7.61 7.97 23.57
C ILE A 67 -8.44 8.67 24.64
N GLU A 68 -8.41 10.01 24.64
CA GLU A 68 -9.16 10.80 25.61
C GLU A 68 -10.66 10.55 25.51
N GLN A 69 -11.19 10.60 24.29
CA GLN A 69 -12.63 10.39 24.15
C GLN A 69 -13.02 8.94 24.40
N LYS A 70 -12.18 7.99 24.00
CA LYS A 70 -12.55 6.59 24.16
C LYS A 70 -12.25 6.03 25.55
N THR A 71 -11.79 6.84 26.50
CA THR A 71 -11.59 6.41 27.87
C THR A 71 -12.78 6.89 28.70
N GLU A 72 -13.64 5.95 29.12
CA GLU A 72 -14.85 6.30 29.85
C GLU A 72 -14.68 6.08 31.36
N GLY A 73 -14.53 4.83 31.77
CA GLY A 73 -14.49 4.47 33.18
C GLY A 73 -13.45 5.17 34.03
N ALA A 74 -12.18 5.09 33.62
CA ALA A 74 -11.12 5.71 34.40
C ALA A 74 -11.18 7.23 34.26
N GLU A 75 -11.45 7.91 35.37
CA GLU A 75 -11.43 9.37 35.38
C GLU A 75 -10.01 9.91 35.56
N LYS A 76 -9.16 9.19 36.30
CA LYS A 76 -7.79 9.66 36.45
C LYS A 76 -7.00 9.46 35.16
N LYS A 77 -7.20 8.32 34.48
CA LYS A 77 -6.53 8.11 33.21
C LYS A 77 -7.00 9.14 32.19
N GLN A 78 -8.31 9.42 32.18
CA GLN A 78 -8.83 10.40 31.24
C GLN A 78 -8.33 11.81 31.57
N GLN A 79 -8.13 12.11 32.86
CA GLN A 79 -7.52 13.39 33.24
C GLN A 79 -6.09 13.49 32.73
N MET A 80 -5.33 12.40 32.84
CA MET A 80 -3.95 12.43 32.36
C MET A 80 -3.91 12.57 30.85
N ALA A 81 -4.80 11.86 30.15
CA ALA A 81 -4.83 11.99 28.69
C ALA A 81 -5.23 13.40 28.29
N ARG A 82 -6.12 14.02 29.07
CA ARG A 82 -6.51 15.40 28.79
C ARG A 82 -5.34 16.34 28.97
N GLU A 83 -4.57 16.16 30.06
CA GLU A 83 -3.45 17.05 30.34
C GLU A 83 -2.34 16.88 29.33
N TYR A 84 -2.08 15.64 28.89
CA TYR A 84 -1.10 15.42 27.85
C TYR A 84 -1.58 15.98 26.52
N ARG A 85 -2.88 15.86 26.24
CA ARG A 85 -3.42 16.50 25.03
C ARG A 85 -3.21 18.00 25.08
N GLU A 86 -3.38 18.61 26.25
CA GLU A 86 -3.16 20.06 26.32
C GLU A 86 -1.68 20.42 26.20
N LYS A 87 -0.79 19.55 26.69
CA LYS A 87 0.64 19.78 26.47
C LYS A 87 0.97 19.76 24.98
N ILE A 88 0.50 18.72 24.29
CA ILE A 88 0.72 18.62 22.85
C ILE A 88 0.08 19.80 22.14
N GLU A 89 -1.13 20.17 22.57
CA GLU A 89 -1.83 21.31 21.99
C GLU A 89 -1.01 22.59 22.13
N THR A 90 -0.44 22.81 23.31
CA THR A 90 0.40 23.97 23.54
C THR A 90 1.60 23.97 22.60
N GLU A 91 2.27 22.83 22.46
CA GLU A 91 3.36 22.72 21.50
C GLU A 91 2.89 23.09 20.09
N LEU A 92 1.80 22.45 19.67
CA LEU A 92 1.18 22.71 18.37
C LEU A 92 0.97 24.21 18.14
N ARG A 93 0.31 24.86 19.11
CA ARG A 93 0.02 26.29 19.01
C ARG A 93 1.31 27.10 18.90
N ASP A 94 2.31 26.79 19.72
CA ASP A 94 3.56 27.56 19.63
C ASP A 94 4.18 27.41 18.24
N ILE A 95 4.19 26.20 17.70
CA ILE A 95 4.75 25.98 16.36
C ILE A 95 3.98 26.80 15.33
N CYS A 96 2.64 26.72 15.38
CA CYS A 96 1.83 27.44 14.41
C CYS A 96 1.98 28.95 14.56
N ASN A 97 2.06 29.44 15.80
CA ASN A 97 2.23 30.87 16.01
C ASN A 97 3.59 31.34 15.53
N ASP A 98 4.61 30.49 15.70
CA ASP A 98 5.93 30.77 15.14
C ASP A 98 5.83 30.94 13.62
N VAL A 99 5.14 30.01 12.95
CA VAL A 99 5.12 30.04 11.49
C VAL A 99 4.29 31.22 11.00
N LEU A 100 3.19 31.51 11.68
CA LEU A 100 2.34 32.62 11.29
C LEU A 100 3.02 33.95 11.58
N SER A 101 3.84 34.00 12.63
CA SER A 101 4.64 35.19 12.89
C SER A 101 5.68 35.38 11.80
N LEU A 102 6.31 34.29 11.36
CA LEU A 102 7.27 34.43 10.26
C LEU A 102 6.58 34.95 9.01
N LEU A 103 5.37 34.46 8.74
CA LEU A 103 4.62 34.92 7.56
C LEU A 103 4.22 36.39 7.65
N GLU A 104 3.55 36.75 8.76
CA GLU A 104 3.05 38.11 8.96
C GLU A 104 4.16 39.15 9.08
N LYS A 105 5.26 38.82 9.75
CA LYS A 105 6.33 39.79 9.99
C LYS A 105 7.36 39.91 8.87
N PHE A 106 7.61 38.89 8.07
CA PHE A 106 8.65 38.99 7.05
C PHE A 106 8.25 38.62 5.61
N LEU A 107 7.63 37.46 5.45
CA LEU A 107 7.42 36.83 4.14
C LEU A 107 6.48 37.59 3.21
N ILE A 108 5.24 37.81 3.63
CA ILE A 108 4.25 38.50 2.78
C ILE A 108 4.73 39.84 2.22
N PRO A 109 5.27 40.76 3.02
CA PRO A 109 5.65 42.06 2.43
C PRO A 109 6.73 41.97 1.36
N ASN A 110 7.64 40.99 1.43
CA ASN A 110 8.71 40.94 0.45
C ASN A 110 8.34 40.10 -0.77
N ALA A 111 7.10 39.65 -0.89
CA ALA A 111 6.69 38.81 -2.00
C ALA A 111 6.32 39.73 -3.16
N SER A 112 7.19 39.81 -4.15
CA SER A 112 6.93 40.67 -5.29
C SER A 112 5.92 40.02 -6.23
N GLN A 113 6.25 38.84 -6.72
CA GLN A 113 5.45 38.10 -7.69
C GLN A 113 4.20 37.53 -7.04
N ALA A 114 3.26 37.11 -7.90
CA ALA A 114 2.01 36.54 -7.42
C ALA A 114 2.24 35.13 -6.89
N GLU A 115 3.08 34.35 -7.58
CA GLU A 115 3.53 33.04 -7.11
C GLU A 115 3.87 33.04 -5.63
N SER A 116 4.77 33.94 -5.22
CA SER A 116 5.19 34.00 -3.83
C SER A 116 4.01 34.32 -2.91
N LYS A 117 3.12 35.22 -3.33
CA LYS A 117 2.10 35.68 -2.41
C LYS A 117 0.96 34.68 -2.26
N VAL A 118 0.68 33.89 -3.30
CA VAL A 118 -0.27 32.80 -3.13
C VAL A 118 0.36 31.68 -2.32
N PHE A 119 1.65 31.41 -2.52
CA PHE A 119 2.30 30.36 -1.73
C PHE A 119 2.26 30.70 -0.24
N TYR A 120 2.63 31.94 0.10
CA TYR A 120 2.67 32.31 1.52
C TYR A 120 1.27 32.50 2.11
N LEU A 121 0.29 33.01 1.34
CA LEU A 121 -1.05 33.11 1.89
C LEU A 121 -1.67 31.74 2.09
N LYS A 122 -1.34 30.79 1.22
CA LYS A 122 -1.79 29.42 1.40
C LYS A 122 -1.15 28.78 2.61
N MET A 123 0.14 29.05 2.85
CA MET A 123 0.79 28.56 4.06
C MET A 123 0.13 29.17 5.30
N LYS A 124 -0.30 30.43 5.21
CA LYS A 124 -0.98 31.04 6.35
C LYS A 124 -2.31 30.35 6.61
N GLY A 125 -3.05 30.06 5.54
CA GLY A 125 -4.30 29.34 5.68
C GLY A 125 -4.09 27.96 6.26
N ASP A 126 -3.02 27.27 5.83
CA ASP A 126 -2.75 25.93 6.34
C ASP A 126 -2.47 25.93 7.83
N TYR A 127 -1.62 26.86 8.29
CA TYR A 127 -1.28 26.85 9.71
C TYR A 127 -2.43 27.34 10.57
N TYR A 128 -3.23 28.31 10.09
CA TYR A 128 -4.45 28.63 10.82
C TYR A 128 -5.41 27.45 10.82
N ARG A 129 -5.40 26.63 9.77
CA ARG A 129 -6.25 25.44 9.74
C ARG A 129 -5.79 24.41 10.75
N TYR A 130 -4.47 24.26 10.91
CA TYR A 130 -3.95 23.37 11.93
C TYR A 130 -4.32 23.87 13.32
N LEU A 131 -4.38 25.19 13.49
CA LEU A 131 -4.84 25.73 14.78
C LEU A 131 -6.34 25.50 14.94
N ALA A 132 -7.09 25.47 13.83
CA ALA A 132 -8.51 25.20 13.90
C ALA A 132 -8.80 23.76 14.31
N GLU A 133 -7.94 22.83 13.90
CA GLU A 133 -8.14 21.42 14.24
C GLU A 133 -8.13 21.16 15.73
N VAL A 134 -7.63 22.09 16.55
CA VAL A 134 -7.53 21.86 17.98
C VAL A 134 -8.13 23.01 18.79
N ALA A 135 -8.47 24.12 18.13
CA ALA A 135 -9.07 25.23 18.85
C ALA A 135 -10.46 24.85 19.34
N ALA A 136 -10.81 25.29 20.54
CA ALA A 136 -12.08 24.92 21.14
C ALA A 136 -12.84 26.13 21.64
N GLY A 137 -14.00 26.40 21.03
CA GLY A 137 -14.97 27.37 21.50
C GLY A 137 -14.79 28.88 21.41
N ASP A 138 -13.89 29.45 22.21
CA ASP A 138 -13.77 30.91 22.24
C ASP A 138 -12.99 31.49 21.08
N ASP A 139 -11.74 31.08 20.91
CA ASP A 139 -10.92 31.58 19.80
C ASP A 139 -11.10 30.79 18.51
N LYS A 140 -11.85 29.68 18.55
CA LYS A 140 -12.09 28.87 17.36
C LYS A 140 -12.57 29.71 16.18
N LYS A 141 -13.66 30.47 16.38
CA LYS A 141 -14.25 31.23 15.29
C LYS A 141 -13.26 32.20 14.66
N GLY A 142 -12.51 32.94 15.49
CA GLY A 142 -11.51 33.86 14.95
C GLY A 142 -10.49 33.18 14.08
N ILE A 143 -9.96 32.05 14.53
CA ILE A 143 -8.94 31.34 13.78
C ILE A 143 -9.53 30.81 12.47
N VAL A 144 -10.73 30.23 12.53
CA VAL A 144 -11.39 29.75 11.32
C VAL A 144 -11.59 30.89 10.32
N ASP A 145 -12.03 32.05 10.81
CA ASP A 145 -12.22 33.19 9.92
C ASP A 145 -10.90 33.63 9.27
N GLN A 146 -9.82 33.69 10.05
CA GLN A 146 -8.54 34.10 9.46
C GLN A 146 -8.04 33.09 8.44
N SER A 147 -8.24 31.80 8.73
CA SER A 147 -7.87 30.76 7.77
C SER A 147 -8.65 30.93 6.47
N GLN A 148 -9.98 31.00 6.56
CA GLN A 148 -10.79 31.12 5.36
C GLN A 148 -10.45 32.39 4.60
N GLN A 149 -10.20 33.49 5.32
CA GLN A 149 -9.90 34.76 4.66
C GLN A 149 -8.60 34.67 3.87
N ALA A 150 -7.54 34.14 4.49
CA ALA A 150 -6.27 34.00 3.78
C ALA A 150 -6.41 33.05 2.60
N TYR A 151 -7.08 31.91 2.83
CA TYR A 151 -7.33 30.96 1.75
C TYR A 151 -8.05 31.63 0.58
N GLN A 152 -9.10 32.39 0.88
CA GLN A 152 -9.91 33.01 -0.17
C GLN A 152 -9.11 34.03 -0.95
N GLU A 153 -8.32 34.86 -0.26
CA GLU A 153 -7.49 35.85 -0.97
C GLU A 153 -6.46 35.16 -1.85
N ALA A 154 -5.82 34.10 -1.34
CA ALA A 154 -4.86 33.37 -2.15
C ALA A 154 -5.55 32.70 -3.33
N PHE A 155 -6.77 32.20 -3.12
CA PHE A 155 -7.54 31.56 -4.17
C PHE A 155 -7.83 32.54 -5.30
N GLU A 156 -8.28 33.76 -4.93
CA GLU A 156 -8.53 34.78 -5.93
C GLU A 156 -7.26 35.11 -6.72
N ILE A 157 -6.12 35.26 -6.02
CA ILE A 157 -4.92 35.60 -6.78
C ILE A 157 -4.47 34.41 -7.62
N SER A 158 -4.77 33.18 -7.20
CA SER A 158 -4.42 32.00 -7.99
C SER A 158 -5.20 32.00 -9.29
N LYS A 159 -6.53 32.17 -9.20
CA LYS A 159 -7.36 32.12 -10.40
C LYS A 159 -7.14 33.34 -11.28
N LYS A 160 -6.56 34.41 -10.75
CA LYS A 160 -6.36 35.59 -11.57
C LYS A 160 -4.97 35.68 -12.19
N GLU A 161 -3.94 35.09 -11.59
CA GLU A 161 -2.64 35.09 -12.26
C GLU A 161 -1.96 33.73 -12.41
N MET A 162 -2.62 32.62 -12.09
CA MET A 162 -2.00 31.32 -12.27
C MET A 162 -2.89 30.38 -13.08
N GLN A 163 -2.28 29.66 -14.02
CA GLN A 163 -2.98 28.69 -14.84
C GLN A 163 -3.46 27.51 -13.98
N PRO A 164 -4.57 26.85 -14.38
CA PRO A 164 -5.13 25.76 -13.57
C PRO A 164 -4.16 24.62 -13.25
N THR A 165 -3.12 24.43 -14.06
CA THR A 165 -2.18 23.34 -13.81
C THR A 165 -1.05 23.72 -12.88
N HIS A 166 -0.87 25.00 -12.56
CA HIS A 166 0.21 25.44 -11.69
C HIS A 166 0.18 24.65 -10.38
N PRO A 167 1.27 23.98 -9.99
CA PRO A 167 1.22 23.14 -8.80
C PRO A 167 0.82 23.88 -7.54
N ILE A 168 1.23 25.14 -7.41
CA ILE A 168 0.84 25.92 -6.23
C ILE A 168 -0.66 26.16 -6.21
N ARG A 169 -1.26 26.50 -7.36
CA ARG A 169 -2.71 26.69 -7.40
C ARG A 169 -3.46 25.38 -7.15
N LEU A 170 -2.96 24.27 -7.70
CA LEU A 170 -3.61 22.98 -7.46
C LEU A 170 -3.54 22.60 -5.99
N GLY A 171 -2.39 22.83 -5.35
CA GLY A 171 -2.27 22.53 -3.94
C GLY A 171 -3.13 23.44 -3.08
N LEU A 172 -3.22 24.71 -3.46
CA LEU A 172 -4.14 25.63 -2.77
C LEU A 172 -5.57 25.14 -2.87
N ALA A 173 -5.99 24.70 -4.05
CA ALA A 173 -7.32 24.12 -4.21
C ALA A 173 -7.50 22.92 -3.28
N LEU A 174 -6.50 22.05 -3.23
CA LEU A 174 -6.59 20.82 -2.44
C LEU A 174 -6.74 21.17 -0.96
N ASN A 175 -5.91 22.09 -0.47
CA ASN A 175 -5.92 22.44 0.94
C ASN A 175 -7.19 23.23 1.31
N PHE A 176 -7.66 24.08 0.41
CA PHE A 176 -8.89 24.82 0.68
C PHE A 176 -10.09 23.87 0.74
N SER A 177 -10.12 22.89 -0.17
CA SER A 177 -11.17 21.87 -0.11
C SER A 177 -11.08 21.07 1.18
N VAL A 178 -9.88 20.72 1.62
CA VAL A 178 -9.75 19.99 2.88
C VAL A 178 -10.21 20.86 4.05
N PHE A 179 -9.94 22.16 3.98
CA PHE A 179 -10.47 23.10 4.97
C PHE A 179 -11.99 23.04 5.03
N TYR A 180 -12.64 23.15 3.86
CA TYR A 180 -14.09 23.11 3.80
C TYR A 180 -14.63 21.80 4.37
N TYR A 181 -14.03 20.67 4.00
CA TYR A 181 -14.53 19.38 4.44
C TYR A 181 -14.33 19.17 5.94
N GLU A 182 -13.09 19.31 6.42
CA GLU A 182 -12.79 18.93 7.80
C GLU A 182 -13.17 20.01 8.81
N ILE A 183 -12.96 21.28 8.49
CA ILE A 183 -13.13 22.35 9.47
C ILE A 183 -14.55 22.91 9.47
N LEU A 184 -15.05 23.35 8.31
CA LEU A 184 -16.41 23.86 8.24
C LEU A 184 -17.46 22.77 8.12
N ASN A 185 -17.07 21.53 7.84
CA ASN A 185 -17.97 20.38 7.84
C ASN A 185 -19.02 20.52 6.74
N SER A 186 -18.63 21.12 5.62
CA SER A 186 -19.53 21.40 4.50
C SER A 186 -18.98 20.63 3.31
N PRO A 187 -19.34 19.35 3.19
CA PRO A 187 -18.79 18.51 2.10
C PRO A 187 -19.12 19.03 0.71
N GLU A 188 -20.30 19.62 0.51
CA GLU A 188 -20.72 19.98 -0.84
C GLU A 188 -19.80 21.05 -1.42
N LYS A 189 -19.44 22.06 -0.61
CA LYS A 189 -18.61 23.13 -1.15
C LYS A 189 -17.18 22.63 -1.37
N ALA A 190 -16.73 21.68 -0.55
CA ALA A 190 -15.39 21.15 -0.69
C ALA A 190 -15.26 20.31 -1.95
N CYS A 191 -16.22 19.42 -2.17
CA CYS A 191 -16.24 18.64 -3.40
C CYS A 191 -16.43 19.53 -4.62
N SER A 192 -17.24 20.58 -4.51
CA SER A 192 -17.40 21.51 -5.62
C SER A 192 -16.05 22.13 -6.01
N LEU A 193 -15.35 22.68 -5.01
CA LEU A 193 -14.07 23.33 -5.30
C LEU A 193 -13.05 22.33 -5.85
N ALA A 194 -12.96 21.15 -5.22
CA ALA A 194 -12.00 20.15 -5.66
C ALA A 194 -12.28 19.70 -7.09
N LYS A 195 -13.53 19.30 -7.36
CA LYS A 195 -13.87 18.84 -8.70
C LYS A 195 -13.66 19.94 -9.74
N THR A 196 -13.99 21.19 -9.41
CA THR A 196 -13.77 22.27 -10.36
C THR A 196 -12.29 22.41 -10.69
N ALA A 197 -11.45 22.45 -9.65
CA ALA A 197 -10.02 22.62 -9.89
C ALA A 197 -9.44 21.44 -10.65
N PHE A 198 -9.84 20.23 -10.28
CA PHE A 198 -9.34 19.03 -10.95
C PHE A 198 -9.74 18.98 -12.41
N ASP A 199 -11.02 19.26 -12.70
CA ASP A 199 -11.47 19.20 -14.09
C ASP A 199 -10.82 20.29 -14.94
N GLU A 200 -10.68 21.49 -14.37
CA GLU A 200 -10.02 22.58 -15.10
C GLU A 200 -8.54 22.28 -15.32
N ALA A 201 -7.91 21.54 -14.42
CA ALA A 201 -6.52 21.18 -14.64
C ALA A 201 -6.41 20.04 -15.65
N ILE A 202 -7.32 19.06 -15.56
CA ILE A 202 -7.31 17.89 -16.43
C ILE A 202 -7.45 18.33 -17.88
N ALA A 203 -8.31 19.33 -18.13
CA ALA A 203 -8.46 19.89 -19.47
C ALA A 203 -7.09 20.24 -20.06
N GLU A 204 -6.35 21.09 -19.36
CA GLU A 204 -5.08 21.62 -19.84
C GLU A 204 -3.88 20.71 -19.54
N LEU A 205 -4.10 19.55 -18.93
CA LEU A 205 -2.98 18.72 -18.47
C LEU A 205 -2.06 18.28 -19.61
N ASP A 206 -2.60 18.03 -20.80
CA ASP A 206 -1.77 17.58 -21.91
C ASP A 206 -0.74 18.64 -22.32
N THR A 207 -1.02 19.87 -21.96
CA THR A 207 -0.21 21.02 -22.31
C THR A 207 1.08 21.16 -21.56
N LEU A 208 1.44 20.18 -20.77
CA LEU A 208 2.64 20.38 -19.98
C LEU A 208 3.89 19.65 -20.32
N SER A 209 4.93 20.02 -19.60
CA SER A 209 6.22 19.39 -19.74
C SER A 209 6.21 18.16 -18.83
N GLU A 210 7.20 17.30 -18.98
CA GLU A 210 7.21 16.14 -18.13
C GLU A 210 7.32 16.51 -16.66
N GLU A 211 8.12 17.53 -16.35
CA GLU A 211 8.33 17.89 -14.96
C GLU A 211 7.13 18.64 -14.40
N SER A 212 6.62 19.62 -15.16
CA SER A 212 5.35 20.25 -14.80
C SER A 212 4.26 19.20 -14.64
N TYR A 213 4.28 18.18 -15.49
CA TYR A 213 3.30 17.10 -15.39
C TYR A 213 3.47 16.33 -14.08
N LYS A 214 4.70 16.13 -13.62
CA LYS A 214 4.87 15.41 -12.37
C LYS A 214 4.38 16.24 -11.21
N ASP A 215 4.67 17.54 -11.26
CA ASP A 215 4.26 18.46 -10.20
C ASP A 215 2.73 18.58 -10.13
N SER A 216 2.08 18.69 -11.29
CA SER A 216 0.63 18.87 -11.31
C SER A 216 -0.09 17.57 -10.98
N THR A 217 0.31 16.46 -11.60
CA THR A 217 -0.32 15.17 -11.34
C THR A 217 -0.21 14.75 -9.87
N LEU A 218 0.88 15.12 -9.18
CA LEU A 218 1.00 14.70 -7.80
C LEU A 218 -0.13 15.26 -6.95
N ILE A 219 -0.55 16.49 -7.24
CA ILE A 219 -1.69 17.08 -6.53
C ILE A 219 -3.03 16.67 -7.14
N MET A 220 -3.09 16.46 -8.46
CA MET A 220 -4.35 16.06 -9.07
C MET A 220 -4.77 14.66 -8.62
N GLN A 221 -3.79 13.78 -8.38
CA GLN A 221 -4.14 12.45 -7.89
C GLN A 221 -4.70 12.55 -6.48
N LEU A 222 -4.20 13.49 -5.69
CA LEU A 222 -4.74 13.70 -4.35
C LEU A 222 -6.14 14.30 -4.40
N LEU A 223 -6.37 15.17 -5.39
CA LEU A 223 -7.71 15.72 -5.54
C LEU A 223 -8.70 14.63 -5.92
N ARG A 224 -8.29 13.71 -6.81
CA ARG A 224 -9.22 12.67 -7.21
C ARG A 224 -9.38 11.62 -6.12
N ASP A 225 -8.33 11.37 -5.32
CA ASP A 225 -8.47 10.51 -4.16
C ASP A 225 -9.45 11.10 -3.15
N ASN A 226 -9.34 12.41 -2.91
CA ASN A 226 -10.26 13.07 -1.98
C ASN A 226 -11.68 13.01 -2.50
N LEU A 227 -11.89 13.28 -3.80
CA LEU A 227 -13.24 13.25 -4.34
C LEU A 227 -13.83 11.84 -4.33
N THR A 228 -13.00 10.82 -4.54
CA THR A 228 -13.45 9.44 -4.44
C THR A 228 -13.86 9.11 -3.02
N LEU A 229 -13.07 9.59 -2.07
CA LEU A 229 -13.32 9.32 -0.65
C LEU A 229 -14.47 10.12 -0.02
N TRP A 230 -14.73 11.32 -0.53
CA TRP A 230 -15.79 12.13 0.04
C TRP A 230 -17.15 11.71 -0.48
N THR A 231 -17.17 11.04 -1.64
CA THR A 231 -18.39 10.54 -2.27
C THR A 231 -18.52 9.03 -2.09
N SER A 232 -17.95 8.50 -1.01
CA SER A 232 -17.98 7.07 -0.72
C SER A 232 -18.48 6.83 0.70
N SER B 2 7.31 13.98 39.15
CA SER B 2 6.62 14.64 40.25
C SER B 2 5.21 14.10 40.40
N MET B 3 5.09 12.77 40.43
CA MET B 3 3.78 12.11 40.47
C MET B 3 4.00 10.65 40.81
N ASP B 4 2.89 9.95 41.07
CA ASP B 4 2.94 8.54 41.42
C ASP B 4 3.53 7.69 40.31
N LYS B 5 4.13 6.56 40.70
CA LYS B 5 4.71 5.64 39.74
C LYS B 5 3.66 5.18 38.73
N ASN B 6 2.43 4.96 39.19
CA ASN B 6 1.35 4.59 38.28
C ASN B 6 1.00 5.73 37.33
N GLU B 7 1.06 6.97 37.82
CA GLU B 7 0.77 8.12 36.97
C GLU B 7 1.85 8.27 35.90
N LEU B 8 3.10 8.01 36.28
CA LEU B 8 4.20 8.09 35.31
C LEU B 8 4.13 6.96 34.30
N VAL B 9 3.76 5.75 34.73
CA VAL B 9 3.61 4.65 33.78
C VAL B 9 2.48 4.92 32.80
N GLN B 10 1.38 5.52 33.27
CA GLN B 10 0.31 5.86 32.34
C GLN B 10 0.74 6.94 31.36
N LYS B 11 1.48 7.95 31.83
CA LYS B 11 1.94 8.97 30.90
C LYS B 11 3.00 8.42 29.96
N ALA B 12 3.76 7.41 30.41
CA ALA B 12 4.73 6.74 29.54
C ALA B 12 4.03 5.97 28.43
N LYS B 13 2.97 5.22 28.79
CA LYS B 13 2.23 4.48 27.76
C LYS B 13 1.56 5.44 26.79
N LEU B 14 1.08 6.57 27.29
CA LEU B 14 0.43 7.54 26.41
C LEU B 14 1.43 8.19 25.48
N ALA B 15 2.63 8.50 25.99
CA ALA B 15 3.70 9.01 25.13
C ALA B 15 4.13 7.96 24.12
N GLU B 16 4.09 6.68 24.50
CA GLU B 16 4.40 5.61 23.56
C GLU B 16 3.41 5.59 22.42
N GLN B 17 2.12 5.74 22.70
CA GLN B 17 1.15 5.71 21.63
C GLN B 17 1.19 6.99 20.79
N ALA B 18 1.68 8.09 21.35
CA ALA B 18 1.90 9.33 20.60
C ALA B 18 3.26 9.39 19.92
N GLU B 19 4.08 8.34 20.05
CA GLU B 19 5.41 8.29 19.44
C GLU B 19 6.24 9.50 19.83
N ARG B 20 6.16 9.89 21.11
CA ARG B 20 6.99 10.94 21.69
C ARG B 20 7.91 10.25 22.69
N TYR B 21 9.00 9.72 22.16
CA TYR B 21 9.88 8.84 22.95
C TYR B 21 10.70 9.59 23.98
N ASP B 22 10.98 10.88 23.76
CA ASP B 22 11.68 11.65 24.78
C ASP B 22 10.86 11.79 26.06
N ASP B 23 9.55 12.01 25.92
CA ASP B 23 8.70 12.09 27.11
C ASP B 23 8.61 10.76 27.83
N MET B 24 8.44 9.67 27.08
CA MET B 24 8.38 8.35 27.69
C MET B 24 9.69 8.02 28.40
N ALA B 25 10.82 8.38 27.78
CA ALA B 25 12.12 8.15 28.41
C ALA B 25 12.23 8.93 29.71
N ALA B 26 11.80 10.19 29.73
CA ALA B 26 11.83 10.96 30.97
C ALA B 26 10.97 10.30 32.04
N CYS B 27 9.77 9.85 31.66
CA CYS B 27 8.88 9.20 32.62
C CYS B 27 9.52 7.95 33.21
N MET B 28 10.08 7.09 32.36
CA MET B 28 10.66 5.85 32.87
C MET B 28 11.93 6.13 33.67
N LYS B 29 12.65 7.20 33.33
CA LYS B 29 13.82 7.58 34.13
C LYS B 29 13.38 7.96 35.53
N SER B 30 12.31 8.73 35.64
CA SER B 30 11.77 9.07 36.95
C SER B 30 11.31 7.81 37.69
N VAL B 31 10.60 6.92 36.99
CA VAL B 31 10.10 5.69 37.61
C VAL B 31 11.25 4.86 38.16
N THR B 32 12.38 4.82 37.44
CA THR B 32 13.52 4.06 37.95
C THR B 32 14.23 4.79 39.07
N GLU B 33 14.20 6.13 39.07
CA GLU B 33 14.83 6.83 40.18
C GLU B 33 14.02 6.71 41.46
N GLN B 34 12.80 6.16 41.36
CA GLN B 34 11.99 5.86 42.53
C GLN B 34 12.62 4.78 43.41
N GLY B 35 13.40 3.87 42.81
CA GLY B 35 14.17 2.89 43.56
C GLY B 35 13.63 1.48 43.55
N ALA B 36 12.36 1.28 43.19
CA ALA B 36 11.77 -0.04 43.22
C ALA B 36 12.08 -0.81 41.94
N GLU B 37 12.07 -2.14 42.05
CA GLU B 37 12.26 -3.00 40.89
C GLU B 37 11.11 -2.83 39.91
N LEU B 38 11.46 -2.72 38.63
CA LEU B 38 10.45 -2.54 37.60
C LEU B 38 9.82 -3.89 37.26
N SER B 39 8.58 -3.82 36.77
CA SER B 39 7.91 -5.02 36.30
C SER B 39 8.39 -5.33 34.89
N ASN B 40 7.90 -6.44 34.33
CA ASN B 40 8.27 -6.78 32.96
C ASN B 40 7.78 -5.71 32.00
N GLU B 41 6.58 -5.19 32.24
CA GLU B 41 6.01 -4.12 31.42
C GLU B 41 6.82 -2.84 31.56
N GLU B 42 7.16 -2.47 32.81
CA GLU B 42 7.93 -1.26 33.03
C GLU B 42 9.33 -1.39 32.43
N ARG B 43 9.93 -2.57 32.58
CA ARG B 43 11.20 -2.86 31.93
C ARG B 43 11.08 -2.63 30.42
N ASN B 44 10.01 -3.15 29.83
CA ASN B 44 9.87 -3.08 28.38
C ASN B 44 9.65 -1.64 27.93
N LEU B 45 8.93 -0.85 28.72
CA LEU B 45 8.67 0.54 28.36
C LEU B 45 9.96 1.36 28.44
N LEU B 46 10.76 1.12 29.48
CA LEU B 46 12.04 1.82 29.59
C LEU B 46 12.93 1.47 28.40
N SER B 47 12.97 0.19 28.04
CA SER B 47 13.78 -0.25 26.91
C SER B 47 13.33 0.42 25.62
N VAL B 48 12.03 0.34 25.31
CA VAL B 48 11.53 0.95 24.07
C VAL B 48 11.83 2.45 24.04
N ALA B 49 11.59 3.14 25.17
CA ALA B 49 11.78 4.58 25.19
C ALA B 49 13.22 4.96 24.88
N TYR B 50 14.17 4.42 25.64
CA TYR B 50 15.53 4.87 25.41
C TYR B 50 16.09 4.31 24.12
N LYS B 51 15.65 3.13 23.69
CA LYS B 51 16.16 2.59 22.44
C LYS B 51 15.70 3.43 21.26
N ASN B 52 14.45 3.90 21.25
CA ASN B 52 14.00 4.78 20.18
C ASN B 52 14.72 6.13 20.24
N VAL B 53 14.85 6.68 21.44
CA VAL B 53 15.51 7.98 21.60
C VAL B 53 16.93 7.92 21.05
N VAL B 54 17.66 6.86 21.40
CA VAL B 54 19.04 6.75 20.96
C VAL B 54 19.13 6.28 19.51
N GLY B 55 18.14 5.52 19.02
CA GLY B 55 18.17 5.07 17.65
C GLY B 55 18.01 6.20 16.66
N ALA B 56 17.17 7.19 16.98
CA ALA B 56 17.06 8.35 16.12
C ALA B 56 18.42 9.02 15.96
N ARG B 57 19.16 9.14 17.07
CA ARG B 57 20.47 9.78 17.03
C ARG B 57 21.49 8.92 16.30
N ARG B 58 21.43 7.60 16.49
CA ARG B 58 22.35 6.72 15.74
C ARG B 58 22.12 6.84 14.24
N SER B 59 20.85 6.85 13.82
CA SER B 59 20.54 6.99 12.40
C SER B 59 21.04 8.32 11.85
N SER B 60 20.77 9.41 12.58
CA SER B 60 21.25 10.72 12.11
C SER B 60 22.77 10.76 12.07
N TRP B 61 23.43 10.18 13.07
CA TRP B 61 24.90 10.15 13.07
C TRP B 61 25.44 9.42 11.86
N ARG B 62 24.87 8.24 11.56
CA ARG B 62 25.36 7.49 10.40
C ARG B 62 25.16 8.29 9.11
N VAL B 63 23.99 8.90 8.95
CA VAL B 63 23.73 9.69 7.75
C VAL B 63 24.74 10.83 7.63
N VAL B 64 24.94 11.57 8.72
CA VAL B 64 25.77 12.76 8.66
C VAL B 64 27.25 12.40 8.55
N SER B 65 27.67 11.27 9.13
CA SER B 65 29.03 10.79 8.95
C SER B 65 29.28 10.43 7.50
N SER B 66 28.38 9.64 6.90
CA SER B 66 28.51 9.31 5.48
C SER B 66 28.61 10.58 4.64
N ILE B 67 27.77 11.52 4.94
CA ILE B 67 27.86 12.71 4.18
C ILE B 67 29.18 13.35 4.49
N GLU B 68 29.75 13.08 5.65
CA GLU B 68 31.05 13.66 5.92
C GLU B 68 32.08 13.07 4.96
N GLN B 69 31.98 11.78 4.67
CA GLN B 69 32.91 11.18 3.79
C GLN B 69 32.91 11.85 2.47
N LYS B 70 31.74 12.08 1.90
CA LYS B 70 31.75 12.67 0.58
C LYS B 70 31.84 14.18 0.50
N THR B 71 32.96 14.70 1.00
CA THR B 71 33.30 16.11 0.96
C THR B 71 34.52 16.02 0.11
N GLU B 72 34.48 16.60 -1.07
CA GLU B 72 35.63 16.53 -1.94
C GLU B 72 35.98 17.94 -2.37
N GLY B 73 37.11 18.48 -1.87
CA GLY B 73 37.40 19.83 -2.32
C GLY B 73 36.51 20.92 -1.74
N ALA B 74 36.17 20.81 -0.45
CA ALA B 74 35.32 21.82 0.17
C ALA B 74 35.58 21.76 1.68
N GLU B 75 36.37 22.72 2.17
CA GLU B 75 36.65 22.78 3.60
C GLU B 75 35.39 23.08 4.40
N LYS B 76 34.70 24.18 4.09
CA LYS B 76 33.58 24.63 4.90
C LYS B 76 32.43 23.63 4.92
N LYS B 77 32.18 22.92 3.82
CA LYS B 77 31.18 21.86 3.83
C LYS B 77 31.54 20.75 4.81
N GLN B 78 32.79 20.30 4.78
CA GLN B 78 33.22 19.24 5.70
C GLN B 78 33.23 19.74 7.14
N GLN B 79 33.57 21.03 7.34
CA GLN B 79 33.55 21.63 8.67
C GLN B 79 32.12 21.68 9.22
N MET B 80 31.16 22.04 8.38
CA MET B 80 29.78 22.09 8.84
C MET B 80 29.28 20.69 9.16
N ALA B 81 29.62 19.72 8.30
CA ALA B 81 29.16 18.35 8.52
C ALA B 81 29.79 17.80 9.79
N ARG B 82 31.04 18.16 10.06
CA ARG B 82 31.74 17.70 11.24
C ARG B 82 31.12 18.28 12.49
N GLU B 83 30.94 19.61 12.53
CA GLU B 83 30.37 20.24 13.71
C GLU B 83 28.96 19.71 14.00
N TYR B 84 28.20 19.42 12.94
CA TYR B 84 26.88 18.80 13.14
C TYR B 84 27.03 17.38 13.67
N ARG B 85 28.04 16.64 13.17
CA ARG B 85 28.29 15.30 13.66
C ARG B 85 28.64 15.31 15.14
N GLU B 86 29.42 16.30 15.57
CA GLU B 86 29.77 16.38 16.99
C GLU B 86 28.61 16.85 17.85
N LYS B 87 27.71 17.66 17.31
CA LYS B 87 26.47 17.97 18.02
C LYS B 87 25.68 16.70 18.29
N ILE B 88 25.47 15.90 17.23
CA ILE B 88 24.77 14.63 17.37
C ILE B 88 25.53 13.73 18.33
N GLU B 89 26.86 13.73 18.23
CA GLU B 89 27.72 12.96 19.11
C GLU B 89 27.48 13.30 20.58
N THR B 90 27.40 14.59 20.89
CA THR B 90 27.13 15.02 22.25
C THR B 90 25.78 14.52 22.74
N GLU B 91 24.75 14.64 21.90
CA GLU B 91 23.43 14.14 22.33
C GLU B 91 23.48 12.63 22.56
N LEU B 92 24.17 11.92 21.68
CA LEU B 92 24.28 10.46 21.78
C LEU B 92 24.98 10.05 23.06
N ARG B 93 26.06 10.75 23.41
CA ARG B 93 26.79 10.42 24.62
C ARG B 93 25.96 10.74 25.86
N ASP B 94 25.34 11.92 25.90
CA ASP B 94 24.53 12.26 27.07
C ASP B 94 23.44 11.21 27.29
N ILE B 95 22.78 10.79 26.22
CA ILE B 95 21.74 9.76 26.33
C ILE B 95 22.31 8.46 26.89
N CYS B 96 23.42 8.00 26.31
CA CYS B 96 24.00 6.74 26.76
C CYS B 96 24.48 6.84 28.21
N ASN B 97 24.99 8.00 28.61
CA ASN B 97 25.45 8.17 30.00
C ASN B 97 24.27 8.13 30.96
N ASP B 98 23.13 8.72 30.56
CA ASP B 98 21.92 8.59 31.37
C ASP B 98 21.54 7.12 31.53
N VAL B 99 21.58 6.37 30.43
CA VAL B 99 21.07 5.00 30.48
C VAL B 99 22.02 4.13 31.30
N LEU B 100 23.32 4.36 31.17
CA LEU B 100 24.29 3.58 31.92
C LEU B 100 24.29 3.94 33.39
N SER B 101 24.01 5.20 33.74
CA SER B 101 23.86 5.55 35.15
C SER B 101 22.64 4.89 35.76
N LEU B 102 21.52 4.85 35.02
CA LEU B 102 20.35 4.14 35.52
C LEU B 102 20.64 2.65 35.68
N LEU B 103 21.37 2.07 34.73
CA LEU B 103 21.72 0.66 34.80
C LEU B 103 22.58 0.35 36.02
N GLU B 104 23.60 1.16 36.26
CA GLU B 104 24.52 0.89 37.36
C GLU B 104 23.97 1.23 38.74
N LYS B 105 23.06 2.22 38.85
CA LYS B 105 22.60 2.60 40.17
C LYS B 105 21.28 2.00 40.61
N PHE B 106 20.43 1.50 39.70
CA PHE B 106 19.18 0.92 40.16
C PHE B 106 18.89 -0.46 39.58
N LEU B 107 19.01 -0.58 38.26
CA LEU B 107 18.48 -1.74 37.54
C LEU B 107 19.19 -3.04 37.92
N ILE B 108 20.50 -3.10 37.66
CA ILE B 108 21.25 -4.31 37.96
C ILE B 108 21.23 -4.68 39.44
N PRO B 109 21.43 -3.76 40.39
CA PRO B 109 21.44 -4.19 41.80
C PRO B 109 20.12 -4.78 42.28
N ASN B 110 18.98 -4.29 41.80
CA ASN B 110 17.68 -4.76 42.24
C ASN B 110 17.13 -5.91 41.42
N ALA B 111 17.96 -6.56 40.61
CA ALA B 111 17.46 -7.66 39.78
C ALA B 111 17.46 -8.92 40.62
N SER B 112 16.26 -9.44 40.90
CA SER B 112 16.12 -10.63 41.72
C SER B 112 16.49 -11.87 40.92
N GLN B 113 15.81 -12.10 39.81
CA GLN B 113 16.04 -13.31 39.03
C GLN B 113 17.18 -13.05 38.06
N ALA B 114 17.67 -14.13 37.44
CA ALA B 114 18.82 -13.98 36.56
C ALA B 114 18.44 -13.26 35.28
N GLU B 115 17.26 -13.61 34.73
CA GLU B 115 16.69 -12.94 33.55
C GLU B 115 16.82 -11.42 33.59
N SER B 116 16.35 -10.79 34.67
CA SER B 116 16.40 -9.33 34.74
C SER B 116 17.84 -8.83 34.68
N LYS B 117 18.77 -9.51 35.36
CA LYS B 117 20.11 -8.97 35.47
C LYS B 117 20.95 -9.24 34.22
N VAL B 118 20.66 -10.33 33.51
CA VAL B 118 21.28 -10.51 32.20
C VAL B 118 20.71 -9.53 31.20
N PHE B 119 19.41 -9.24 31.28
CA PHE B 119 18.83 -8.24 30.38
C PHE B 119 19.48 -6.89 30.60
N TYR B 120 19.62 -6.49 31.86
CA TYR B 120 20.19 -5.17 32.15
C TYR B 120 21.67 -5.13 31.83
N LEU B 121 22.40 -6.24 32.02
CA LEU B 121 23.81 -6.25 31.60
C LEU B 121 23.92 -6.26 30.08
N LYS B 122 22.92 -6.80 29.39
CA LYS B 122 22.94 -6.77 27.94
C LYS B 122 22.74 -5.34 27.46
N MET B 123 21.72 -4.67 28.02
CA MET B 123 21.48 -3.26 27.71
C MET B 123 22.72 -2.43 28.02
N LYS B 124 23.42 -2.78 29.11
CA LYS B 124 24.68 -2.17 29.48
C LYS B 124 25.70 -2.31 28.35
N GLY B 125 25.83 -3.52 27.82
CA GLY B 125 26.73 -3.75 26.70
C GLY B 125 26.30 -3.05 25.43
N ASP B 126 24.99 -3.03 25.16
CA ASP B 126 24.47 -2.39 23.95
C ASP B 126 24.74 -0.89 23.96
N TYR B 127 24.52 -0.24 25.09
CA TYR B 127 24.73 1.21 25.14
C TYR B 127 26.22 1.51 25.13
N TYR B 128 27.05 0.63 25.70
CA TYR B 128 28.48 0.86 25.56
C TYR B 128 28.88 0.68 24.10
N ARG B 129 28.11 -0.14 23.42
CA ARG B 129 28.31 -0.46 22.05
C ARG B 129 28.13 0.80 21.33
N TYR B 130 26.94 1.34 21.46
CA TYR B 130 26.55 2.57 20.80
C TYR B 130 27.56 3.67 21.02
N LEU B 131 28.06 3.79 22.25
CA LEU B 131 29.07 4.81 22.50
C LEU B 131 30.37 4.49 21.77
N ALA B 132 30.67 3.18 21.65
CA ALA B 132 31.90 2.70 21.02
C ALA B 132 31.96 3.09 19.56
N GLU B 133 30.82 2.96 18.87
CA GLU B 133 30.77 3.21 17.43
C GLU B 133 31.18 4.64 17.11
N VAL B 134 30.88 5.59 18.00
CA VAL B 134 31.27 6.98 17.82
C VAL B 134 32.49 7.34 18.67
N ALA B 135 33.13 6.37 19.30
CA ALA B 135 34.27 6.65 20.17
C ALA B 135 35.47 7.13 19.35
N ALA B 136 36.25 8.04 19.94
CA ALA B 136 37.33 8.70 19.23
C ALA B 136 38.56 7.81 19.04
N GLY B 137 39.10 7.26 20.13
CA GLY B 137 40.24 6.37 19.97
C GLY B 137 41.13 6.27 21.19
N ASP B 138 41.34 7.40 21.87
CA ASP B 138 42.08 7.38 23.13
C ASP B 138 41.24 6.83 24.27
N ASP B 139 39.97 7.24 24.35
CA ASP B 139 39.03 6.62 25.28
C ASP B 139 38.28 5.44 24.67
N LYS B 140 38.36 5.27 23.35
CA LYS B 140 37.69 4.15 22.67
C LYS B 140 37.99 2.82 23.36
N LYS B 141 39.28 2.50 23.49
CA LYS B 141 39.70 1.24 24.11
C LYS B 141 38.96 0.98 25.42
N GLY B 142 38.91 2.00 26.29
CA GLY B 142 38.22 1.85 27.56
C GLY B 142 36.76 1.48 27.38
N ILE B 143 36.07 2.18 26.47
CA ILE B 143 34.65 1.94 26.26
C ILE B 143 34.42 0.53 25.72
N VAL B 144 35.23 0.12 24.75
CA VAL B 144 35.13 -1.24 24.20
C VAL B 144 35.37 -2.28 25.30
N ASP B 145 36.37 -2.04 26.15
CA ASP B 145 36.66 -2.94 27.27
C ASP B 145 35.45 -3.07 28.18
N GLN B 146 34.83 -1.95 28.56
CA GLN B 146 33.68 -2.00 29.45
C GLN B 146 32.49 -2.67 28.77
N SER B 147 32.36 -2.45 27.46
CA SER B 147 31.31 -3.09 26.67
C SER B 147 31.44 -4.60 26.74
N GLN B 148 32.63 -5.12 26.40
CA GLN B 148 32.81 -6.56 26.36
C GLN B 148 32.73 -7.14 27.76
N GLN B 149 33.20 -6.40 28.77
CA GLN B 149 33.12 -6.92 30.14
C GLN B 149 31.68 -7.17 30.54
N ALA B 150 30.82 -6.16 30.35
CA ALA B 150 29.41 -6.34 30.68
C ALA B 150 28.73 -7.37 29.79
N TYR B 151 28.98 -7.31 28.48
CA TYR B 151 28.42 -8.29 27.55
C TYR B 151 28.72 -9.71 27.98
N GLN B 152 30.01 -10.00 28.15
CA GLN B 152 30.43 -11.35 28.48
C GLN B 152 29.95 -11.75 29.86
N GLU B 153 29.92 -10.80 30.81
CA GLU B 153 29.41 -11.12 32.14
C GLU B 153 27.98 -11.62 32.06
N ALA B 154 27.15 -10.96 31.25
CA ALA B 154 25.79 -11.44 31.04
C ALA B 154 25.77 -12.76 30.28
N PHE B 155 26.67 -12.89 29.31
CA PHE B 155 26.77 -14.10 28.50
C PHE B 155 27.03 -15.34 29.36
N GLU B 156 27.92 -15.20 30.36
CA GLU B 156 28.22 -16.33 31.24
C GLU B 156 26.97 -16.87 31.93
N ILE B 157 26.12 -15.99 32.43
CA ILE B 157 24.89 -16.43 33.07
C ILE B 157 23.83 -16.84 32.04
N SER B 158 23.96 -16.42 30.79
CA SER B 158 22.91 -16.70 29.82
C SER B 158 22.72 -18.20 29.58
N LYS B 159 23.70 -18.90 29.01
CA LYS B 159 23.53 -20.35 28.81
C LYS B 159 23.86 -21.16 30.05
N LYS B 160 23.32 -20.74 31.19
CA LYS B 160 23.51 -21.52 32.40
C LYS B 160 22.15 -21.70 33.06
N GLU B 161 21.26 -20.72 32.88
CA GLU B 161 19.87 -20.81 33.32
C GLU B 161 18.84 -20.59 32.20
N MET B 162 19.23 -20.50 30.93
CA MET B 162 18.23 -20.21 29.90
C MET B 162 18.15 -21.20 28.75
N GLN B 163 16.91 -21.50 28.37
CA GLN B 163 16.60 -22.42 27.28
C GLN B 163 17.07 -21.84 25.94
N PRO B 164 17.54 -22.69 25.01
CA PRO B 164 18.02 -22.16 23.72
C PRO B 164 17.01 -21.28 22.99
N THR B 165 15.70 -21.46 23.26
CA THR B 165 14.65 -20.71 22.61
C THR B 165 14.41 -19.33 23.23
N HIS B 166 14.92 -19.10 24.43
CA HIS B 166 14.69 -17.89 25.20
C HIS B 166 15.11 -16.66 24.38
N PRO B 167 14.19 -15.75 24.07
CA PRO B 167 14.54 -14.60 23.21
C PRO B 167 15.56 -13.64 23.81
N ILE B 168 15.58 -13.42 25.12
CA ILE B 168 16.59 -12.54 25.69
C ILE B 168 18.07 -12.83 25.46
N ARG B 169 18.40 -14.12 25.45
CA ARG B 169 19.78 -14.55 25.18
C ARG B 169 20.07 -14.61 23.67
N LEU B 170 19.04 -14.94 22.89
CA LEU B 170 19.12 -15.03 21.43
C LEU B 170 19.52 -13.60 21.08
N GLY B 171 18.88 -12.62 21.71
CA GLY B 171 19.26 -11.24 21.46
C GLY B 171 20.61 -10.89 22.05
N LEU B 172 20.92 -11.43 23.24
CA LEU B 172 22.23 -11.15 23.81
C LEU B 172 23.31 -11.69 22.87
N ALA B 173 23.05 -12.88 22.31
CA ALA B 173 24.00 -13.48 21.37
C ALA B 173 24.13 -12.62 20.12
N LEU B 174 23.00 -12.12 19.62
CA LEU B 174 23.00 -11.30 18.42
C LEU B 174 23.83 -10.03 18.63
N ASN B 175 23.64 -9.39 19.78
CA ASN B 175 24.36 -8.15 20.05
C ASN B 175 25.83 -8.40 20.34
N PHE B 176 26.15 -9.55 20.95
CA PHE B 176 27.55 -9.84 21.24
C PHE B 176 28.30 -10.18 19.96
N SER B 177 27.63 -10.92 19.06
CA SER B 177 28.23 -11.24 17.77
C SER B 177 28.48 -9.99 16.95
N VAL B 178 27.50 -9.10 16.85
CA VAL B 178 27.75 -7.87 16.11
C VAL B 178 28.76 -6.98 16.83
N PHE B 179 28.82 -7.06 18.16
CA PHE B 179 29.88 -6.40 18.91
C PHE B 179 31.25 -6.85 18.42
N TYR B 180 31.46 -8.17 18.35
CA TYR B 180 32.75 -8.68 17.89
C TYR B 180 33.01 -8.28 16.45
N TYR B 181 32.00 -8.41 15.58
CA TYR B 181 32.19 -8.12 14.17
C TYR B 181 32.40 -6.62 13.92
N GLU B 182 31.49 -5.78 14.41
CA GLU B 182 31.58 -4.34 14.15
C GLU B 182 32.61 -3.65 15.04
N ILE B 183 32.31 -3.55 16.34
CA ILE B 183 33.14 -2.79 17.28
C ILE B 183 34.61 -3.18 17.16
N LEU B 184 34.91 -4.45 17.37
CA LEU B 184 36.25 -5.00 17.17
C LEU B 184 36.35 -5.54 15.75
N ASN B 185 37.45 -6.23 15.46
CA ASN B 185 37.61 -6.92 14.18
C ASN B 185 37.98 -8.36 14.50
N SER B 186 36.96 -9.18 14.71
CA SER B 186 37.12 -10.61 15.02
C SER B 186 36.01 -11.35 14.30
N PRO B 187 36.10 -11.48 12.97
CA PRO B 187 35.04 -12.20 12.25
C PRO B 187 34.90 -13.65 12.68
N GLU B 188 36.03 -14.30 12.98
CA GLU B 188 35.99 -15.72 13.31
C GLU B 188 35.16 -15.97 14.56
N LYS B 189 35.39 -15.15 15.59
CA LYS B 189 34.66 -15.30 16.85
C LYS B 189 33.18 -15.00 16.68
N ALA B 190 32.88 -13.85 16.08
CA ALA B 190 31.48 -13.45 15.88
C ALA B 190 30.69 -14.50 15.11
N CYS B 191 31.21 -14.97 13.97
CA CYS B 191 30.51 -16.01 13.24
C CYS B 191 30.42 -17.32 14.01
N SER B 192 31.47 -17.68 14.76
CA SER B 192 31.41 -18.89 15.58
C SER B 192 30.27 -18.82 16.60
N LEU B 193 30.19 -17.71 17.33
CA LEU B 193 29.15 -17.53 18.35
C LEU B 193 27.77 -17.52 17.70
N ALA B 194 27.63 -16.77 16.59
CA ALA B 194 26.33 -16.63 15.95
C ALA B 194 25.82 -17.98 15.47
N LYS B 195 26.64 -18.72 14.71
CA LYS B 195 26.19 -20.02 14.24
C LYS B 195 25.91 -20.96 15.40
N THR B 196 26.73 -20.90 16.46
CA THR B 196 26.50 -21.77 17.62
C THR B 196 25.11 -21.52 18.17
N ALA B 197 24.78 -20.25 18.40
CA ALA B 197 23.48 -19.91 18.98
C ALA B 197 22.34 -20.30 18.05
N PHE B 198 22.50 -20.03 16.74
CA PHE B 198 21.42 -20.37 15.81
C PHE B 198 21.17 -21.86 15.76
N ASP B 199 22.23 -22.67 15.71
CA ASP B 199 22.05 -24.12 15.66
C ASP B 199 21.47 -24.64 16.96
N GLU B 200 21.88 -24.08 18.11
CA GLU B 200 21.27 -24.52 19.35
C GLU B 200 19.80 -24.13 19.42
N ALA B 201 19.42 -23.03 18.77
CA ALA B 201 18.01 -22.64 18.77
C ALA B 201 17.18 -23.50 17.83
N ILE B 202 17.72 -23.80 16.64
CA ILE B 202 17.02 -24.68 15.70
C ILE B 202 16.85 -26.07 16.29
N ALA B 203 17.86 -26.54 17.04
CA ALA B 203 17.79 -27.83 17.72
C ALA B 203 16.50 -27.95 18.54
N GLU B 204 16.36 -27.09 19.53
CA GLU B 204 15.23 -27.12 20.44
C GLU B 204 14.06 -26.29 19.92
N SER B 212 7.28 -14.86 22.17
CA SER B 212 8.44 -15.75 22.04
C SER B 212 8.24 -16.71 20.87
N TYR B 213 6.99 -17.13 20.68
CA TYR B 213 6.67 -18.06 19.60
C TYR B 213 6.99 -17.46 18.24
N LYS B 214 6.60 -16.20 18.04
CA LYS B 214 6.89 -15.47 16.81
C LYS B 214 8.17 -14.65 16.94
N ASP B 215 8.53 -14.28 18.16
CA ASP B 215 9.74 -13.50 18.41
C ASP B 215 10.99 -14.26 18.02
N SER B 216 11.04 -15.55 18.33
CA SER B 216 12.25 -16.30 18.03
C SER B 216 12.39 -16.57 16.54
N THR B 217 11.29 -16.77 15.81
CA THR B 217 11.40 -16.98 14.37
C THR B 217 12.18 -15.83 13.72
N LEU B 218 11.81 -14.60 14.07
CA LEU B 218 12.46 -13.42 13.52
C LEU B 218 13.85 -13.19 14.09
N ILE B 219 14.12 -13.59 15.33
CA ILE B 219 15.50 -13.40 15.76
C ILE B 219 16.41 -14.43 15.09
N MET B 220 15.92 -15.64 14.83
CA MET B 220 16.73 -16.58 14.07
C MET B 220 16.89 -16.11 12.64
N GLN B 221 15.88 -15.42 12.10
CA GLN B 221 16.04 -14.85 10.77
C GLN B 221 17.10 -13.75 10.78
N LEU B 222 17.18 -12.98 11.87
CA LEU B 222 18.22 -11.97 11.97
C LEU B 222 19.60 -12.61 12.08
N LEU B 223 19.67 -13.74 12.77
CA LEU B 223 20.93 -14.47 12.86
C LEU B 223 21.34 -15.01 11.49
N ARG B 224 20.37 -15.52 10.73
CA ARG B 224 20.69 -16.09 9.43
C ARG B 224 21.08 -15.00 8.44
N ASP B 225 20.45 -13.83 8.53
CA ASP B 225 20.89 -12.70 7.73
C ASP B 225 22.29 -12.24 8.13
N ASN B 226 22.58 -12.20 9.44
CA ASN B 226 23.90 -11.78 9.90
C ASN B 226 24.98 -12.70 9.35
N LEU B 227 24.83 -14.00 9.58
CA LEU B 227 25.84 -14.94 9.11
C LEU B 227 25.92 -14.93 7.59
N THR B 228 24.76 -14.81 6.91
CA THR B 228 24.74 -14.75 5.46
C THR B 228 25.56 -13.57 4.94
N LEU B 229 25.49 -12.42 5.61
CA LEU B 229 26.23 -11.26 5.12
C LEU B 229 27.68 -11.27 5.58
N TRP B 230 27.99 -11.93 6.71
CA TRP B 230 29.36 -11.93 7.20
C TRP B 230 30.21 -12.95 6.47
N THR B 231 29.59 -13.94 5.83
CA THR B 231 30.31 -14.99 5.11
C THR B 231 30.22 -14.76 3.61
N ASP C 4 -21.21 -10.39 -28.11
CA ASP C 4 -20.44 -11.26 -27.24
C ASP C 4 -20.08 -10.55 -25.94
N TRP C 5 -19.39 -9.42 -26.04
CA TRP C 5 -19.01 -8.60 -24.88
C TRP C 5 -19.51 -7.17 -24.99
N GLU C 6 -20.39 -6.88 -25.94
CA GLU C 6 -20.91 -5.54 -26.12
C GLU C 6 -21.85 -5.17 -24.97
N ILE C 7 -21.73 -3.93 -24.50
CA ILE C 7 -22.53 -3.43 -23.39
C ILE C 7 -23.54 -2.45 -23.95
N PRO C 8 -24.84 -2.68 -23.75
CA PRO C 8 -25.86 -1.76 -24.26
C PRO C 8 -25.71 -0.34 -23.75
N ASP C 9 -26.14 0.61 -24.57
CA ASP C 9 -26.12 2.01 -24.17
C ASP C 9 -27.09 2.22 -23.02
N GLY C 10 -26.74 3.12 -22.12
CA GLY C 10 -27.57 3.43 -20.98
C GLY C 10 -27.19 2.70 -19.72
N GLN C 11 -26.51 1.57 -19.83
CA GLN C 11 -26.13 0.76 -18.67
C GLN C 11 -24.95 1.35 -17.92
N ILE C 12 -24.12 2.15 -18.58
CA ILE C 12 -22.89 2.66 -17.99
C ILE C 12 -23.11 4.14 -17.65
N THR C 13 -23.04 4.45 -16.36
CA THR C 13 -23.11 5.82 -15.87
C THR C 13 -21.67 6.34 -15.83
N VAL C 14 -21.35 7.28 -16.70
CA VAL C 14 -19.99 7.80 -16.80
C VAL C 14 -19.85 8.99 -15.85
N GLY C 15 -18.80 8.96 -15.03
CA GLY C 15 -18.57 9.96 -14.01
C GLY C 15 -17.52 10.97 -14.43
N GLN C 16 -16.54 11.22 -13.56
CA GLN C 16 -15.60 12.30 -13.79
C GLN C 16 -14.54 11.89 -14.82
N ARG C 17 -14.12 12.85 -15.63
CA ARG C 17 -13.04 12.64 -16.59
C ARG C 17 -11.71 12.57 -15.85
N ILE C 18 -10.98 11.48 -16.04
CA ILE C 18 -9.73 11.26 -15.31
C ILE C 18 -8.49 11.49 -16.16
N GLY C 19 -8.59 11.38 -17.48
CA GLY C 19 -7.37 11.65 -18.24
C GLY C 19 -7.48 11.22 -19.68
N SER C 20 -6.33 10.93 -20.27
CA SER C 20 -6.27 10.47 -21.65
C SER C 20 -5.49 9.17 -21.73
N GLY C 21 -5.71 8.45 -22.81
CA GLY C 21 -5.05 7.21 -23.15
C GLY C 21 -4.48 7.31 -24.55
N SER C 22 -4.32 6.17 -25.20
CA SER C 22 -3.68 6.17 -26.51
C SER C 22 -4.61 6.81 -27.53
N GLY C 24 -8.03 7.91 -26.96
CA GLY C 24 -9.24 8.36 -26.33
C GLY C 24 -8.97 8.95 -24.95
N THR C 25 -10.06 9.43 -24.35
CA THR C 25 -10.02 9.96 -22.99
C THR C 25 -10.69 8.98 -22.03
N VAL C 26 -10.18 8.92 -20.81
CA VAL C 26 -10.56 7.94 -19.81
C VAL C 26 -11.39 8.62 -18.74
N TYR C 27 -12.52 7.99 -18.37
CA TYR C 27 -13.44 8.41 -17.32
C TYR C 27 -13.71 7.24 -16.38
N LYS C 28 -14.29 7.57 -15.23
CA LYS C 28 -14.74 6.60 -14.25
C LYS C 28 -16.22 6.31 -14.48
N GLY C 29 -16.62 5.06 -14.24
CA GLY C 29 -17.99 4.69 -14.54
C GLY C 29 -18.48 3.67 -13.53
N LYS C 30 -19.80 3.48 -13.53
CA LYS C 30 -20.45 2.53 -12.63
C LYS C 30 -21.16 1.50 -13.49
N TRP C 31 -20.79 0.24 -13.32
CA TRP C 31 -21.41 -0.85 -14.07
C TRP C 31 -21.17 -2.13 -13.27
N HIS C 32 -22.19 -2.54 -12.51
CA HIS C 32 -22.09 -3.68 -11.59
C HIS C 32 -20.90 -3.49 -10.66
N GLY C 33 -20.72 -2.25 -10.22
CA GLY C 33 -19.60 -1.84 -9.40
C GLY C 33 -18.84 -0.75 -10.12
N ASP C 34 -17.56 -0.56 -9.80
CA ASP C 34 -16.77 0.44 -10.49
C ASP C 34 -16.16 -0.13 -11.76
N VAL C 35 -15.97 0.75 -12.76
CA VAL C 35 -15.31 0.41 -14.01
C VAL C 35 -14.55 1.63 -14.50
N ALA C 36 -13.53 1.39 -15.31
CA ALA C 36 -12.88 2.44 -16.06
C ALA C 36 -13.37 2.39 -17.50
N VAL C 37 -13.54 3.55 -18.13
CA VAL C 37 -14.03 3.61 -19.49
C VAL C 37 -13.12 4.52 -20.31
N LYS C 38 -12.49 3.96 -21.34
CA LYS C 38 -11.77 4.72 -22.34
C LYS C 38 -12.73 4.93 -23.50
N MET C 39 -12.95 6.19 -23.86
CA MET C 39 -13.96 6.54 -24.85
C MET C 39 -13.36 7.54 -25.83
N LEU C 40 -13.91 7.58 -27.03
CA LEU C 40 -13.47 8.52 -28.06
C LEU C 40 -14.52 9.61 -28.20
N ASN C 41 -14.12 10.85 -27.94
CA ASN C 41 -15.01 12.01 -27.97
C ASN C 41 -15.32 12.53 -29.37
N VAL C 42 -15.78 11.67 -30.28
CA VAL C 42 -16.09 12.11 -31.64
C VAL C 42 -17.48 11.64 -32.00
N THR C 43 -18.17 12.46 -32.79
CA THR C 43 -19.49 12.08 -33.30
C THR C 43 -19.39 10.87 -34.21
N ALA C 44 -18.50 10.92 -35.19
CA ALA C 44 -18.39 9.88 -36.21
C ALA C 44 -16.94 9.41 -36.30
N PRO C 45 -16.64 8.19 -35.87
CA PRO C 45 -15.26 7.69 -35.96
C PRO C 45 -14.84 7.52 -37.41
N THR C 46 -13.59 7.87 -37.70
CA THR C 46 -13.07 7.61 -39.04
C THR C 46 -12.71 6.14 -39.19
N PRO C 47 -12.57 5.65 -40.44
CA PRO C 47 -12.32 4.20 -40.62
C PRO C 47 -11.03 3.74 -39.97
N GLN C 48 -10.08 4.65 -39.78
CA GLN C 48 -8.81 4.30 -39.17
C GLN C 48 -8.96 4.18 -37.67
N GLN C 49 -9.72 5.09 -37.06
CA GLN C 49 -9.97 5.00 -35.63
C GLN C 49 -10.89 3.82 -35.32
N LEU C 50 -11.82 3.51 -36.22
CA LEU C 50 -12.73 2.39 -35.99
C LEU C 50 -11.98 1.07 -36.14
N GLN C 51 -11.05 0.99 -37.09
CA GLN C 51 -10.25 -0.23 -37.23
C GLN C 51 -9.29 -0.38 -36.06
N ALA C 52 -8.66 0.73 -35.64
CA ALA C 52 -7.81 0.69 -34.45
C ALA C 52 -8.58 0.20 -33.23
N PHE C 53 -9.80 0.73 -33.02
CA PHE C 53 -10.60 0.31 -31.88
C PHE C 53 -10.99 -1.16 -31.99
N LYS C 54 -11.29 -1.62 -33.20
CA LYS C 54 -11.67 -3.03 -33.36
C LYS C 54 -10.48 -3.93 -33.09
N ASN C 55 -9.29 -3.50 -33.51
CA ASN C 55 -8.07 -4.26 -33.26
C ASN C 55 -7.77 -4.31 -31.76
N GLU C 56 -7.94 -3.18 -31.07
CA GLU C 56 -7.68 -3.16 -29.64
C GLU C 56 -8.65 -4.06 -28.89
N VAL C 57 -9.92 -4.05 -29.28
CA VAL C 57 -10.90 -4.93 -28.66
C VAL C 57 -10.54 -6.38 -28.94
N GLY C 58 -10.12 -6.67 -30.17
CA GLY C 58 -9.73 -8.02 -30.54
C GLY C 58 -8.56 -8.52 -29.70
N VAL C 59 -7.58 -7.65 -29.46
CA VAL C 59 -6.44 -8.02 -28.63
C VAL C 59 -6.88 -8.25 -27.19
N LEU C 60 -7.65 -7.31 -26.64
CA LEU C 60 -8.03 -7.42 -25.23
C LEU C 60 -8.92 -8.64 -24.98
N ARG C 61 -9.71 -9.06 -25.98
CA ARG C 61 -10.56 -10.22 -25.79
C ARG C 61 -9.75 -11.51 -25.69
N LYS C 62 -8.44 -11.44 -25.90
CA LYS C 62 -7.55 -12.59 -25.76
C LYS C 62 -6.72 -12.51 -24.49
N THR C 63 -6.90 -11.47 -23.69
CA THR C 63 -6.09 -11.22 -22.50
C THR C 63 -6.90 -11.65 -21.29
N ARG C 64 -6.39 -12.62 -20.55
CA ARG C 64 -7.11 -13.09 -19.36
C ARG C 64 -6.09 -13.55 -18.31
N HIS C 65 -5.62 -12.59 -17.51
CA HIS C 65 -4.52 -12.80 -16.57
C HIS C 65 -4.64 -11.81 -15.43
N VAL C 66 -4.20 -12.25 -14.24
CA VAL C 66 -4.34 -11.42 -13.04
C VAL C 66 -3.51 -10.14 -13.13
N ASN C 67 -2.40 -10.17 -13.87
CA ASN C 67 -1.51 -9.02 -13.95
C ASN C 67 -1.74 -8.22 -15.23
N ILE C 68 -2.82 -8.51 -15.96
CA ILE C 68 -3.27 -7.72 -17.09
C ILE C 68 -4.56 -7.03 -16.70
N LEU C 69 -4.63 -5.71 -16.91
CA LEU C 69 -5.86 -4.96 -16.65
C LEU C 69 -7.05 -5.66 -17.28
N LEU C 70 -7.99 -6.07 -16.43
CA LEU C 70 -9.08 -6.93 -16.89
C LEU C 70 -10.04 -6.16 -17.78
N PHE C 71 -10.05 -6.52 -19.06
CA PHE C 71 -11.03 -5.99 -20.00
C PHE C 71 -12.40 -6.56 -19.62
N MET C 72 -13.44 -5.72 -19.61
CA MET C 72 -14.76 -6.17 -19.20
C MET C 72 -15.82 -6.08 -20.29
N GLY C 73 -15.63 -5.23 -21.30
CA GLY C 73 -16.60 -5.09 -22.36
C GLY C 73 -16.31 -3.87 -23.20
N TYR C 74 -17.12 -3.70 -24.25
CA TYR C 74 -16.99 -2.58 -25.16
C TYR C 74 -18.36 -2.06 -25.53
N SER C 75 -18.41 -0.81 -25.98
CA SER C 75 -19.67 -0.20 -26.41
C SER C 75 -19.43 0.57 -27.70
N THR C 76 -20.48 0.68 -28.51
CA THR C 76 -20.41 1.41 -29.77
C THR C 76 -21.44 2.53 -29.90
N LYS C 77 -22.61 2.40 -29.25
CA LYS C 77 -23.78 3.23 -29.54
C LYS C 77 -23.46 4.73 -29.42
N PRO C 78 -23.21 5.29 -28.20
CA PRO C 78 -23.00 6.74 -28.13
C PRO C 78 -21.68 7.10 -28.78
N GLN C 79 -20.64 6.41 -28.34
CA GLN C 79 -19.28 6.54 -28.82
C GLN C 79 -18.60 5.20 -28.61
N LEU C 80 -17.48 4.98 -29.29
CA LEU C 80 -16.78 3.73 -29.09
C LEU C 80 -16.03 3.79 -27.77
N ALA C 81 -16.06 2.68 -27.04
CA ALA C 81 -15.57 2.69 -25.67
C ALA C 81 -15.12 1.29 -25.27
N ILE C 82 -13.98 1.25 -24.59
CA ILE C 82 -13.46 0.04 -23.94
C ILE C 82 -13.64 0.23 -22.45
N VAL C 83 -14.14 -0.80 -21.77
CA VAL C 83 -14.40 -0.71 -20.34
C VAL C 83 -13.58 -1.80 -19.65
N THR C 84 -12.92 -1.43 -18.56
CA THR C 84 -12.06 -2.35 -17.82
C THR C 84 -12.45 -2.29 -16.34
N GLN C 85 -11.80 -3.17 -15.56
CA GLN C 85 -11.90 -3.10 -14.11
C GLN C 85 -11.35 -1.76 -13.61
N TRP C 86 -11.86 -1.33 -12.48
CA TRP C 86 -11.37 -0.11 -11.87
C TRP C 86 -10.23 -0.45 -10.93
N CYS C 87 -9.17 0.36 -10.98
CA CYS C 87 -8.00 0.20 -10.12
C CYS C 87 -7.86 1.40 -9.22
N GLU C 88 -8.20 1.24 -7.95
CA GLU C 88 -7.92 2.27 -6.96
C GLU C 88 -6.40 2.36 -6.76
N GLY C 89 -5.84 3.54 -7.00
CA GLY C 89 -4.42 3.77 -6.88
C GLY C 89 -3.93 4.57 -8.07
N SER C 90 -2.61 4.52 -8.29
CA SER C 90 -1.97 5.33 -9.31
C SER C 90 -1.12 4.43 -10.20
N SER C 91 -0.64 5.00 -11.30
CA SER C 91 0.27 4.29 -12.17
C SER C 91 1.64 4.19 -11.51
N LEU C 92 2.46 3.25 -11.99
CA LEU C 92 3.78 3.10 -11.41
C LEU C 92 4.65 4.32 -11.73
N TYR C 93 4.36 4.99 -12.84
CA TYR C 93 5.03 6.25 -13.15
C TYR C 93 4.76 7.28 -12.06
N HIS C 94 3.50 7.37 -11.63
CA HIS C 94 3.14 8.30 -10.56
C HIS C 94 3.86 7.98 -9.27
N HIS C 95 3.88 6.70 -8.88
CA HIS C 95 4.54 6.32 -7.64
C HIS C 95 6.05 6.62 -7.70
N LEU C 96 6.67 6.38 -8.85
CA LEU C 96 8.13 6.52 -8.91
C LEU C 96 8.57 7.97 -9.08
N HIS C 97 7.89 8.74 -9.93
CA HIS C 97 8.38 10.06 -10.32
C HIS C 97 7.44 11.21 -9.96
N ALA C 98 6.25 10.95 -9.43
CA ALA C 98 5.30 12.02 -9.11
C ALA C 98 5.03 12.15 -7.63
N SER C 99 5.17 11.09 -6.86
CA SER C 99 5.10 11.15 -5.41
C SER C 99 6.38 10.70 -4.74
N GLU C 100 7.30 10.09 -5.49
CA GLU C 100 8.54 9.52 -4.96
C GLU C 100 8.27 8.62 -3.75
N THR C 101 7.22 7.80 -3.86
CA THR C 101 6.89 6.82 -2.84
C THR C 101 8.07 5.91 -2.53
N LYS C 102 8.44 5.86 -1.24
CA LYS C 102 9.62 5.11 -0.84
C LYS C 102 9.20 3.65 -0.84
N PHE C 103 9.58 2.93 -1.89
CA PHE C 103 9.35 1.50 -1.97
C PHE C 103 10.50 0.70 -1.39
N GLU C 104 10.17 -0.34 -0.64
CA GLU C 104 11.22 -1.24 -0.20
C GLU C 104 11.66 -2.08 -1.38
N MET C 105 12.88 -2.59 -1.31
CA MET C 105 13.40 -3.41 -2.41
C MET C 105 12.53 -4.63 -2.65
N LYS C 106 11.91 -5.17 -1.58
CA LYS C 106 11.01 -6.31 -1.74
C LYS C 106 9.80 -5.98 -2.60
N LYS C 107 9.17 -4.82 -2.36
CA LYS C 107 8.01 -4.48 -3.18
C LYS C 107 8.41 -4.13 -4.62
N LEU C 108 9.60 -3.56 -4.81
CA LEU C 108 10.07 -3.32 -6.17
C LEU C 108 10.29 -4.63 -6.92
N ILE C 109 10.89 -5.61 -6.25
CA ILE C 109 11.06 -6.94 -6.83
C ILE C 109 9.70 -7.55 -7.16
N ASP C 110 8.72 -7.41 -6.25
CA ASP C 110 7.41 -7.99 -6.51
C ASP C 110 6.72 -7.33 -7.69
N ILE C 111 6.85 -6.00 -7.82
CA ILE C 111 6.27 -5.29 -8.95
C ILE C 111 6.90 -5.75 -10.26
N ALA C 112 8.24 -5.88 -10.26
CA ALA C 112 8.92 -6.37 -11.46
C ALA C 112 8.47 -7.79 -11.80
N ARG C 113 8.29 -8.64 -10.78
CA ARG C 113 7.88 -10.01 -11.03
C ARG C 113 6.50 -10.08 -11.63
N GLN C 114 5.59 -9.24 -11.15
CA GLN C 114 4.23 -9.26 -11.68
C GLN C 114 4.18 -8.70 -13.11
N THR C 115 4.97 -7.66 -13.38
CA THR C 115 5.07 -7.15 -14.75
C THR C 115 5.63 -8.22 -15.68
N ALA C 116 6.64 -8.95 -15.21
CA ALA C 116 7.22 -10.02 -16.02
C ALA C 116 6.20 -11.13 -16.28
N ARG C 117 5.37 -11.44 -15.28
CA ARG C 117 4.31 -12.43 -15.48
C ARG C 117 3.32 -11.95 -16.54
N GLY C 118 2.97 -10.67 -16.49
CA GLY C 118 2.03 -10.14 -17.47
C GLY C 118 2.58 -10.19 -18.89
N MET C 119 3.86 -9.84 -19.06
CA MET C 119 4.40 -9.85 -20.41
C MET C 119 4.79 -11.26 -20.87
N ASP C 120 5.08 -12.17 -19.95
CA ASP C 120 5.21 -13.58 -20.31
C ASP C 120 3.91 -14.11 -20.88
N TYR C 121 2.79 -13.85 -20.17
CA TYR C 121 1.48 -14.24 -20.67
C TYR C 121 1.22 -13.63 -22.06
N LEU C 122 1.42 -12.31 -22.18
CA LEU C 122 1.15 -11.63 -23.44
C LEU C 122 1.96 -12.23 -24.59
N HIS C 123 3.27 -12.41 -24.40
CA HIS C 123 4.09 -12.94 -25.48
C HIS C 123 3.78 -14.40 -25.74
N ALA C 124 3.33 -15.13 -24.71
CA ALA C 124 2.91 -16.51 -24.92
C ALA C 124 1.63 -16.59 -25.71
N LYS C 125 0.84 -15.51 -25.74
CA LYS C 125 -0.29 -15.44 -26.66
C LYS C 125 0.03 -14.61 -27.90
N SER C 126 1.31 -14.48 -28.25
CA SER C 126 1.76 -13.77 -29.45
C SER C 126 1.23 -12.34 -29.52
N ILE C 127 1.21 -11.67 -28.38
CA ILE C 127 0.78 -10.27 -28.28
C ILE C 127 1.99 -9.40 -27.99
N ILE C 128 2.20 -8.38 -28.82
CA ILE C 128 3.24 -7.37 -28.59
C ILE C 128 2.54 -6.11 -28.14
N HIS C 129 2.96 -5.56 -27.00
CA HIS C 129 2.28 -4.39 -26.43
C HIS C 129 2.69 -3.11 -27.15
N ARG C 130 3.97 -3.00 -27.52
CA ARG C 130 4.51 -1.89 -28.31
C ARG C 130 4.41 -0.53 -27.64
N ASP C 131 3.89 -0.45 -26.41
CA ASP C 131 3.95 0.78 -25.65
C ASP C 131 4.13 0.52 -24.16
N LEU C 132 4.94 -0.47 -23.80
CA LEU C 132 5.07 -0.79 -22.38
C LEU C 132 5.95 0.26 -21.70
N LYS C 133 5.39 0.90 -20.67
CA LYS C 133 6.04 2.00 -20.00
C LYS C 133 5.49 2.07 -18.58
N SER C 134 6.20 2.81 -17.71
CA SER C 134 5.79 2.88 -16.32
C SER C 134 4.45 3.57 -16.17
N ASN C 135 4.06 4.43 -17.12
CA ASN C 135 2.75 5.06 -17.05
C ASN C 135 1.63 4.08 -17.39
N ASN C 136 1.92 3.06 -18.18
CA ASN C 136 0.94 2.04 -18.54
C ASN C 136 0.93 0.86 -17.59
N ILE C 137 1.56 0.99 -16.43
CA ILE C 137 1.53 0.00 -15.37
C ILE C 137 0.79 0.61 -14.18
N PHE C 138 -0.32 -0.01 -13.78
CA PHE C 138 -1.16 0.53 -12.71
C PHE C 138 -1.10 -0.39 -11.51
N LEU C 139 -1.13 0.19 -10.32
CA LEU C 139 -1.12 -0.60 -9.10
C LEU C 139 -2.52 -0.59 -8.50
N HIS C 140 -3.11 -1.78 -8.41
CA HIS C 140 -4.41 -2.00 -7.82
C HIS C 140 -4.23 -2.18 -6.32
N GLU C 141 -4.77 -1.24 -5.54
CA GLU C 141 -4.76 -1.29 -4.09
C GLU C 141 -3.32 -1.28 -3.58
N ASP C 142 -2.46 -0.54 -4.29
CA ASP C 142 -1.02 -0.47 -4.04
C ASP C 142 -0.44 -1.85 -3.75
N ASN C 143 -1.00 -2.88 -4.39
CA ASN C 143 -0.55 -4.25 -4.15
C ASN C 143 -0.34 -5.06 -5.42
N THR C 144 -1.19 -4.89 -6.43
CA THR C 144 -1.16 -5.74 -7.61
C THR C 144 -0.82 -4.94 -8.87
N VAL C 145 -0.02 -5.52 -9.75
CA VAL C 145 0.37 -4.85 -10.98
C VAL C 145 -0.64 -5.20 -12.06
N LYS C 146 -1.00 -4.20 -12.87
CA LYS C 146 -1.96 -4.35 -13.95
C LYS C 146 -1.42 -3.63 -15.18
N ILE C 147 -1.10 -4.39 -16.22
CA ILE C 147 -0.61 -3.81 -17.47
C ILE C 147 -1.81 -3.30 -18.26
N GLY C 148 -1.73 -2.05 -18.71
CA GLY C 148 -2.84 -1.41 -19.40
C GLY C 148 -2.42 -0.66 -20.64
N ASP C 149 -3.43 -0.13 -21.32
CA ASP C 149 -3.32 0.65 -22.54
C ASP C 149 -2.79 -0.20 -23.70
N PHE C 150 -3.69 -0.97 -24.30
CA PHE C 150 -3.39 -1.85 -25.42
C PHE C 150 -3.72 -1.19 -26.76
N GLY C 151 -3.73 0.14 -26.81
CA GLY C 151 -4.10 0.83 -28.03
C GLY C 151 -3.08 0.61 -29.14
N LEU C 152 -1.82 0.43 -28.77
CA LEU C 152 -0.76 0.15 -29.74
C LEU C 152 -0.37 -1.31 -29.76
N ALA C 153 -1.18 -2.18 -29.15
CA ALA C 153 -0.84 -3.59 -29.11
C ALA C 153 -1.32 -4.30 -30.37
N THR C 154 -0.75 -5.47 -30.62
CA THR C 154 -1.12 -6.27 -31.77
C THR C 154 -0.86 -7.73 -31.46
N VAL C 155 -1.27 -8.57 -32.41
CA VAL C 155 -0.95 -9.98 -32.36
C VAL C 155 0.07 -10.17 -33.47
N LYS C 156 1.04 -11.06 -33.31
CA LYS C 156 2.01 -11.20 -34.38
C LYS C 156 1.63 -12.24 -35.43
N SER C 157 1.18 -11.75 -36.59
CA SER C 157 0.77 -12.64 -37.68
C SER C 157 1.38 -12.28 -39.06
N ARG C 158 2.63 -11.83 -39.01
CA ARG C 158 3.39 -11.43 -40.20
C ARG C 158 2.86 -10.28 -41.04
N TRP C 159 2.21 -9.32 -40.39
CA TRP C 159 1.72 -8.12 -41.07
C TRP C 159 1.92 -6.94 -40.13
N SER C 160 2.24 -5.76 -40.67
CA SER C 160 2.47 -4.59 -39.84
C SER C 160 1.34 -3.60 -39.93
N GLY C 161 0.74 -3.29 -38.79
CA GLY C 161 -0.34 -2.32 -38.74
C GLY C 161 0.06 -1.14 -37.90
N SER C 162 -0.06 0.05 -38.46
CA SER C 162 0.26 1.29 -37.77
C SER C 162 -0.36 2.48 -38.49
N GLY C 170 5.19 11.02 -27.65
CA GLY C 170 6.13 11.52 -26.66
C GLY C 170 6.81 10.50 -25.78
N SER C 171 6.11 9.43 -25.42
CA SER C 171 6.68 8.39 -24.57
C SER C 171 7.64 7.56 -25.41
N ILE C 172 8.90 7.98 -25.41
CA ILE C 172 9.95 7.39 -26.24
C ILE C 172 11.09 6.81 -25.44
N LEU C 173 11.11 6.97 -24.12
CA LEU C 173 12.23 6.46 -23.33
C LEU C 173 12.33 4.94 -23.40
N TRP C 174 11.19 4.26 -23.44
CA TRP C 174 11.12 2.82 -23.55
C TRP C 174 11.32 2.28 -24.97
N MET C 175 11.45 3.17 -25.96
CA MET C 175 11.60 2.71 -27.34
C MET C 175 13.02 2.19 -27.57
N ALA C 176 13.12 0.98 -28.10
CA ALA C 176 14.41 0.38 -28.40
C ALA C 176 15.06 1.07 -29.59
N PRO C 177 16.40 1.01 -29.69
CA PRO C 177 17.10 1.67 -30.81
C PRO C 177 16.52 1.33 -32.18
N GLU C 178 16.15 0.09 -32.39
CA GLU C 178 15.59 -0.27 -33.67
C GLU C 178 14.30 0.50 -33.88
N VAL C 179 13.50 0.58 -32.83
CA VAL C 179 12.21 1.26 -32.94
C VAL C 179 12.44 2.74 -33.22
N ILE C 180 13.42 3.30 -32.56
CA ILE C 180 13.68 4.71 -32.71
C ILE C 180 14.36 4.96 -34.01
N ARG C 181 15.23 4.04 -34.41
CA ARG C 181 15.98 4.21 -35.69
C ARG C 181 15.13 4.24 -36.88
N MET C 182 14.07 3.43 -36.86
CA MET C 182 13.17 3.40 -38.01
C MET C 182 13.89 3.04 -39.31
N GLN C 183 14.81 2.09 -39.24
CA GLN C 183 15.53 1.64 -40.43
C GLN C 183 14.57 0.98 -41.37
N ASP C 184 13.69 0.17 -40.80
CA ASP C 184 12.73 -0.55 -41.59
C ASP C 184 11.36 -0.42 -40.99
N SER C 185 10.37 -0.69 -41.82
CA SER C 185 8.98 -0.52 -41.45
C SER C 185 8.43 -1.38 -40.31
N ASN C 186 9.08 -2.48 -39.96
CA ASN C 186 8.53 -3.30 -38.88
C ASN C 186 9.53 -3.55 -37.77
N PRO C 187 9.87 -2.50 -37.03
CA PRO C 187 10.79 -2.61 -35.91
C PRO C 187 10.27 -3.36 -34.69
N TYR C 188 9.03 -3.09 -34.36
CA TYR C 188 8.42 -3.65 -33.18
C TYR C 188 8.47 -5.14 -33.16
N SER C 189 8.75 -5.71 -32.00
CA SER C 189 8.86 -7.16 -31.87
C SER C 189 8.83 -7.51 -30.38
N PHE C 190 9.05 -8.77 -30.07
CA PHE C 190 9.17 -9.18 -28.68
C PHE C 190 10.36 -8.50 -28.01
N GLN C 191 11.46 -8.31 -28.75
CA GLN C 191 12.64 -7.67 -28.18
C GLN C 191 12.44 -6.18 -27.90
N SER C 192 11.64 -5.49 -28.71
CA SER C 192 11.33 -4.10 -28.37
C SER C 192 10.56 -4.00 -27.07
N ASP C 193 9.63 -4.94 -26.83
CA ASP C 193 8.94 -4.99 -25.56
C ASP C 193 9.91 -5.34 -24.43
N VAL C 194 10.84 -6.27 -24.68
CA VAL C 194 11.83 -6.62 -23.67
C VAL C 194 12.69 -5.42 -23.31
N TYR C 195 13.02 -4.58 -24.29
CA TYR C 195 13.81 -3.38 -24.01
C TYR C 195 12.99 -2.37 -23.21
N ALA C 196 11.71 -2.22 -23.55
CA ALA C 196 10.84 -1.37 -22.73
C ALA C 196 10.81 -1.89 -21.29
N PHE C 197 10.74 -3.21 -21.13
CA PHE C 197 10.80 -3.80 -19.80
C PHE C 197 12.14 -3.50 -19.12
N GLY C 198 13.23 -3.57 -19.87
CA GLY C 198 14.51 -3.18 -19.30
C GLY C 198 14.49 -1.76 -18.77
N ILE C 199 13.85 -0.85 -19.52
CA ILE C 199 13.75 0.53 -19.07
C ILE C 199 12.90 0.64 -17.80
N VAL C 200 11.80 -0.13 -17.72
CA VAL C 200 11.01 -0.02 -16.49
C VAL C 200 11.77 -0.60 -15.29
N LEU C 201 12.59 -1.64 -15.47
CA LEU C 201 13.45 -2.05 -14.37
C LEU C 201 14.50 -0.99 -14.04
N TYR C 202 14.99 -0.27 -15.04
CA TYR C 202 15.87 0.85 -14.76
C TYR C 202 15.17 1.83 -13.81
N GLU C 203 13.92 2.16 -14.13
CA GLU C 203 13.14 3.06 -13.29
C GLU C 203 12.95 2.50 -11.89
N LEU C 204 12.70 1.19 -11.79
CA LEU C 204 12.49 0.57 -10.49
C LEU C 204 13.74 0.60 -9.63
N MET C 205 14.91 0.37 -10.25
CA MET C 205 16.13 0.24 -9.46
C MET C 205 16.89 1.54 -9.24
N THR C 206 16.67 2.56 -10.06
CA THR C 206 17.30 3.85 -9.84
C THR C 206 16.37 4.83 -9.15
N GLY C 207 15.07 4.78 -9.45
CA GLY C 207 14.11 5.74 -8.95
C GLY C 207 13.83 6.91 -9.85
N GLN C 208 14.57 7.03 -10.95
CA GLN C 208 14.48 8.17 -11.87
C GLN C 208 14.40 7.64 -13.30
N LEU C 209 14.08 8.55 -14.20
CA LEU C 209 14.10 8.20 -15.61
C LEU C 209 15.53 8.14 -16.17
N PRO C 210 15.75 7.34 -17.22
CA PRO C 210 17.06 7.26 -17.87
C PRO C 210 17.30 8.54 -18.67
N TYR C 211 18.54 8.79 -19.10
CA TYR C 211 18.78 10.02 -19.86
C TYR C 211 18.34 11.28 -19.11
N SER C 212 18.53 11.19 -17.80
CA SER C 212 18.16 12.22 -16.83
C SER C 212 18.90 13.52 -17.11
N ASN C 213 20.19 13.45 -17.42
CA ASN C 213 20.93 14.70 -17.63
C ASN C 213 20.80 15.25 -19.04
N ILE C 214 20.57 14.45 -20.09
CA ILE C 214 20.37 15.14 -21.36
C ILE C 214 18.91 15.59 -21.33
N ASN C 215 18.71 16.92 -21.28
CA ASN C 215 17.40 17.52 -21.11
C ASN C 215 16.53 17.50 -22.35
N ASN C 216 17.10 17.82 -23.52
CA ASN C 216 16.32 17.89 -24.74
C ASN C 216 15.76 16.51 -25.02
N ARG C 217 14.72 16.48 -25.85
CA ARG C 217 14.00 15.26 -26.16
C ARG C 217 14.38 14.80 -27.56
N ASP C 218 14.65 15.72 -28.47
CA ASP C 218 15.04 15.33 -29.81
C ASP C 218 16.42 14.66 -29.91
N GLN C 219 17.46 15.14 -29.21
CA GLN C 219 18.76 14.48 -29.35
C GLN C 219 18.75 13.04 -28.87
N ILE C 220 18.04 12.78 -27.77
CA ILE C 220 17.89 11.45 -27.18
C ILE C 220 17.66 10.37 -28.23
N ILE C 221 16.81 10.71 -29.20
CA ILE C 221 16.51 9.80 -30.31
C ILE C 221 17.76 9.48 -31.12
N GLU C 222 18.47 10.51 -31.58
CA GLU C 222 19.69 10.25 -32.37
C GLU C 222 20.70 9.41 -31.61
N MET C 223 20.95 9.76 -30.34
CA MET C 223 21.93 9.01 -29.55
C MET C 223 21.54 7.57 -29.28
N VAL C 224 20.27 7.30 -28.92
CA VAL C 224 19.90 5.91 -28.70
C VAL C 224 19.88 5.13 -30.00
N GLY C 225 19.46 5.74 -31.12
CA GLY C 225 19.45 5.02 -32.37
C GLY C 225 20.85 4.62 -32.81
N ARG C 226 21.79 5.57 -32.74
CA ARG C 226 23.18 5.28 -33.10
C ARG C 226 23.81 4.25 -32.18
N GLY C 227 23.56 4.36 -30.88
CA GLY C 227 24.21 3.50 -29.90
C GLY C 227 25.18 4.26 -29.03
N SER C 228 25.39 5.55 -29.32
CA SER C 228 26.28 6.38 -28.53
C SER C 228 25.83 6.50 -27.08
N LEU C 229 24.52 6.43 -26.82
CA LEU C 229 24.00 6.63 -25.48
C LEU C 229 23.16 5.42 -25.07
N SER C 230 23.38 4.98 -23.84
CA SER C 230 22.65 3.91 -23.18
C SER C 230 22.37 4.35 -21.76
N PRO C 231 21.39 3.73 -21.09
CA PRO C 231 21.10 4.11 -19.70
C PRO C 231 22.33 4.00 -18.82
N ASP C 232 22.43 4.92 -17.86
CA ASP C 232 23.55 4.94 -16.92
C ASP C 232 23.25 3.95 -15.81
N LEU C 233 23.79 2.74 -15.92
CA LEU C 233 23.57 1.71 -14.90
C LEU C 233 24.30 1.98 -13.60
N SER C 234 25.07 3.06 -13.51
CA SER C 234 25.76 3.40 -12.27
C SER C 234 24.87 4.14 -11.29
N LYS C 235 23.65 4.48 -11.66
CA LYS C 235 22.70 5.13 -10.78
C LYS C 235 21.75 4.13 -10.15
N VAL C 236 22.02 2.84 -10.28
CA VAL C 236 21.23 1.82 -9.59
C VAL C 236 21.65 1.83 -8.12
N ARG C 237 20.67 1.79 -7.23
CA ARG C 237 21.00 1.86 -5.81
C ARG C 237 21.63 0.57 -5.31
N SER C 238 22.39 0.70 -4.22
CA SER C 238 23.27 -0.38 -3.75
C SER C 238 22.51 -1.58 -3.21
N ASN C 239 21.26 -1.40 -2.74
CA ASN C 239 20.49 -2.53 -2.24
C ASN C 239 19.80 -3.30 -3.34
N CYS C 240 19.91 -2.87 -4.58
CA CYS C 240 19.34 -3.60 -5.70
C CYS C 240 20.14 -4.86 -5.94
N PRO C 241 19.53 -6.04 -5.89
CA PRO C 241 20.30 -7.27 -6.07
C PRO C 241 21.09 -7.23 -7.36
N LYS C 242 22.25 -7.89 -7.33
CA LYS C 242 23.13 -7.87 -8.50
C LYS C 242 22.51 -8.60 -9.67
N ARG C 243 21.73 -9.62 -9.37
CA ARG C 243 21.09 -10.37 -10.42
C ARG C 243 20.16 -9.44 -11.17
N MET C 244 19.39 -8.63 -10.45
CA MET C 244 18.44 -7.76 -11.11
C MET C 244 19.13 -6.79 -12.06
N LYS C 245 20.28 -6.25 -11.66
CA LYS C 245 21.02 -5.35 -12.54
C LYS C 245 21.55 -6.08 -13.76
N ARG C 246 22.02 -7.31 -13.57
CA ARG C 246 22.44 -8.13 -14.69
C ARG C 246 21.29 -8.39 -15.65
N LEU C 247 20.11 -8.74 -15.10
CA LEU C 247 18.94 -8.99 -15.94
C LEU C 247 18.52 -7.77 -16.72
N MET C 248 18.53 -6.59 -16.08
CA MET C 248 18.17 -5.37 -16.81
C MET C 248 19.19 -5.06 -17.89
N ALA C 249 20.48 -5.26 -17.61
CA ALA C 249 21.49 -5.09 -18.65
C ALA C 249 21.20 -6.01 -19.84
N GLU C 250 20.79 -7.25 -19.55
CA GLU C 250 20.46 -8.17 -20.63
C GLU C 250 19.26 -7.68 -21.43
N CYS C 251 18.28 -7.11 -20.74
CA CYS C 251 17.07 -6.62 -21.42
C CYS C 251 17.30 -5.31 -22.15
N LEU C 252 18.41 -4.63 -21.88
CA LEU C 252 18.70 -3.32 -22.47
C LEU C 252 19.76 -3.38 -23.55
N LYS C 253 20.21 -4.57 -23.94
CA LYS C 253 21.33 -4.66 -24.86
C LYS C 253 20.93 -4.16 -26.24
N LYS C 254 21.86 -3.45 -26.87
CA LYS C 254 21.55 -2.60 -28.02
C LYS C 254 21.06 -3.39 -29.23
N LYS C 255 21.54 -4.63 -29.39
CA LYS C 255 21.14 -5.44 -30.53
C LYS C 255 20.06 -6.42 -30.11
N ARG C 256 18.94 -6.42 -30.84
CA ARG C 256 17.75 -7.17 -30.46
C ARG C 256 18.04 -8.62 -30.11
N ASP C 257 18.95 -9.25 -30.86
CA ASP C 257 19.08 -10.70 -30.83
C ASP C 257 19.80 -11.22 -29.59
N GLU C 258 20.50 -10.36 -28.86
CA GLU C 258 21.14 -10.75 -27.61
C GLU C 258 20.28 -10.51 -26.39
N ARG C 259 19.08 -9.94 -26.56
CA ARG C 259 18.17 -9.75 -25.43
C ARG C 259 17.46 -11.05 -25.09
N PRO C 260 17.22 -11.31 -23.81
CA PRO C 260 16.55 -12.55 -23.39
C PRO C 260 15.05 -12.51 -23.68
N SER C 261 14.45 -13.69 -23.60
CA SER C 261 13.01 -13.84 -23.77
C SER C 261 12.31 -13.84 -22.41
N PHE C 262 11.03 -13.51 -22.44
CA PHE C 262 10.28 -13.37 -21.19
C PHE C 262 10.14 -14.64 -20.36
N PRO C 263 10.12 -15.86 -20.93
CA PRO C 263 10.09 -17.04 -20.02
C PRO C 263 11.27 -17.08 -19.07
N ARG C 264 12.48 -16.81 -19.55
CA ARG C 264 13.65 -16.85 -18.68
C ARG C 264 13.81 -15.57 -17.88
N ILE C 265 13.33 -14.44 -18.39
CA ILE C 265 13.26 -13.25 -17.54
C ILE C 265 12.39 -13.55 -16.33
N LEU C 266 11.24 -14.17 -16.57
CA LEU C 266 10.33 -14.55 -15.49
C LEU C 266 10.98 -15.56 -14.56
N ALA C 267 11.64 -16.58 -15.13
CA ALA C 267 12.29 -17.59 -14.30
C ALA C 267 13.38 -16.98 -13.42
N GLU C 268 14.11 -16.01 -13.96
CA GLU C 268 15.17 -15.37 -13.17
C GLU C 268 14.58 -14.51 -12.06
N ILE C 269 13.48 -13.82 -12.36
CA ILE C 269 12.83 -13.01 -11.33
C ILE C 269 12.20 -13.92 -10.27
N GLU C 270 11.71 -15.09 -10.68
CA GLU C 270 11.09 -16.02 -9.75
C GLU C 270 12.14 -16.61 -8.82
N GLU C 271 13.30 -16.97 -9.37
CA GLU C 271 14.35 -17.56 -8.56
C GLU C 271 14.92 -16.56 -7.55
N LEU C 272 15.06 -15.34 -8.05
CA LEU C 272 15.53 -14.23 -7.27
C LEU C 272 14.42 -13.75 -6.37
N ALA C 273 13.20 -14.16 -6.62
CA ALA C 273 12.10 -13.74 -5.77
C ALA C 273 12.35 -14.32 -4.41
N ARG C 274 12.54 -15.62 -4.40
CA ARG C 274 12.72 -16.36 -3.19
C ARG C 274 13.93 -15.95 -2.36
N GLU C 275 15.04 -15.60 -3.00
CA GLU C 275 16.19 -15.18 -2.22
C GLU C 275 15.75 -13.91 -1.51
N LEU C 276 15.95 -13.83 -0.21
CA LEU C 276 15.50 -12.65 0.51
C LEU C 276 16.47 -12.03 1.49
N PRO C 277 17.45 -11.32 0.99
CA PRO C 277 18.37 -10.69 1.94
C PRO C 277 17.75 -9.44 2.50
N LYS C 278 17.18 -9.47 3.71
CA LYS C 278 16.61 -8.26 4.29
C LYS C 278 17.73 -7.33 4.73
N ILE C 279 18.87 -7.94 5.05
CA ILE C 279 20.07 -7.25 5.53
C ILE C 279 21.07 -6.65 4.56
N HIS C 280 20.94 -5.37 4.28
CA HIS C 280 21.90 -4.67 3.43
C HIS C 280 23.26 -4.63 4.15
N ARG C 281 23.20 -4.30 5.44
CA ARG C 281 24.36 -4.22 6.35
C ARG C 281 24.02 -5.06 7.60
N SER C 282 24.92 -5.18 8.58
CA SER C 282 24.51 -6.06 9.67
C SER C 282 23.42 -5.43 10.53
N ALA C 283 22.76 -6.25 11.33
CA ALA C 283 21.66 -5.69 12.10
C ALA C 283 21.42 -6.24 13.49
N GLU C 285 19.58 -6.60 17.41
CA GLU C 285 18.24 -6.94 17.87
C GLU C 285 17.40 -5.69 18.11
N PRO C 286 16.20 -5.65 17.49
CA PRO C 286 15.27 -4.53 17.63
C PRO C 286 14.32 -4.71 18.82
N SER C 287 13.21 -3.99 18.80
CA SER C 287 12.23 -4.08 19.88
C SER C 287 11.39 -5.34 19.75
N ASP D 3 -9.90 -24.54 -28.92
CA ASP D 3 -8.56 -23.97 -29.02
C ASP D 3 -8.55 -22.49 -28.63
N ASP D 4 -9.72 -22.01 -28.20
CA ASP D 4 -9.90 -20.61 -27.85
C ASP D 4 -9.32 -20.27 -26.48
N TRP D 5 -9.66 -21.06 -25.47
CA TRP D 5 -9.15 -20.96 -24.10
C TRP D 5 -8.43 -22.21 -23.62
N GLU D 6 -8.25 -23.21 -24.48
CA GLU D 6 -7.57 -24.44 -24.07
C GLU D 6 -6.08 -24.22 -23.95
N ILE D 7 -5.50 -24.81 -22.91
CA ILE D 7 -4.08 -24.73 -22.59
C ILE D 7 -3.43 -26.06 -22.95
N PRO D 8 -2.39 -26.05 -23.80
CA PRO D 8 -1.70 -27.30 -24.13
C PRO D 8 -1.13 -27.99 -22.89
N ASP D 9 -1.15 -29.31 -22.92
CA ASP D 9 -0.58 -30.09 -21.82
C ASP D 9 0.92 -29.88 -21.74
N GLY D 10 1.43 -29.87 -20.52
CA GLY D 10 2.84 -29.64 -20.26
C GLY D 10 3.16 -28.23 -19.82
N GLN D 11 2.29 -27.26 -20.13
CA GLN D 11 2.53 -25.89 -19.74
C GLN D 11 2.23 -25.63 -18.27
N ILE D 12 1.38 -26.45 -17.65
CA ILE D 12 0.94 -26.25 -16.27
C ILE D 12 1.64 -27.26 -15.37
N THR D 13 2.42 -26.75 -14.41
CA THR D 13 3.03 -27.58 -13.37
C THR D 13 2.07 -27.61 -12.18
N VAL D 14 1.48 -28.77 -11.91
CA VAL D 14 0.53 -28.91 -10.82
C VAL D 14 1.28 -29.18 -9.52
N GLY D 15 0.95 -28.40 -8.48
CA GLY D 15 1.62 -28.48 -7.19
C GLY D 15 0.82 -29.22 -6.13
N GLN D 16 0.67 -28.59 -4.97
CA GLN D 16 0.09 -29.26 -3.80
C GLN D 16 -1.42 -29.34 -3.91
N ARG D 17 -1.98 -30.45 -3.42
CA ARG D 17 -3.43 -30.60 -3.29
C ARG D 17 -3.93 -29.80 -2.11
N ILE D 18 -4.84 -28.87 -2.36
CA ILE D 18 -5.28 -27.95 -1.32
C ILE D 18 -6.73 -28.20 -0.92
N GLY D 19 -7.52 -28.89 -1.73
CA GLY D 19 -8.89 -29.16 -1.30
C GLY D 19 -9.72 -29.81 -2.39
N PHE D 23 -15.42 -29.44 -4.96
CA PHE D 23 -15.78 -30.15 -6.18
C PHE D 23 -14.64 -31.08 -6.57
N GLY D 24 -13.99 -30.80 -7.69
CA GLY D 24 -12.87 -31.61 -8.11
C GLY D 24 -11.69 -31.18 -7.28
N THR D 25 -10.76 -32.10 -7.02
CA THR D 25 -9.62 -31.79 -6.20
C THR D 25 -8.83 -30.57 -6.65
N VAL D 26 -9.06 -29.47 -5.98
CA VAL D 26 -8.36 -28.22 -6.32
C VAL D 26 -6.92 -28.31 -5.84
N TYR D 27 -5.99 -27.91 -6.72
CA TYR D 27 -4.55 -27.85 -6.51
C TYR D 27 -4.03 -26.47 -6.89
N LYS D 28 -2.80 -26.19 -6.46
CA LYS D 28 -2.03 -25.02 -6.85
C LYS D 28 -1.11 -25.38 -8.01
N GLY D 29 -0.90 -24.45 -8.93
CA GLY D 29 -0.13 -24.72 -10.13
C GLY D 29 0.65 -23.50 -10.55
N LYS D 30 1.61 -23.72 -11.46
CA LYS D 30 2.44 -22.64 -11.98
C LYS D 30 2.22 -22.53 -13.48
N TRP D 31 1.79 -21.34 -13.94
CA TRP D 31 1.56 -21.08 -15.35
C TRP D 31 1.60 -19.56 -15.53
N HIS D 32 2.75 -19.03 -15.98
CA HIS D 32 2.94 -17.59 -16.07
C HIS D 32 2.63 -16.91 -14.74
N GLY D 33 3.04 -17.58 -13.66
CA GLY D 33 2.76 -17.15 -12.30
C GLY D 33 2.00 -18.23 -11.57
N ASP D 34 1.28 -17.85 -10.52
CA ASP D 34 0.49 -18.81 -9.77
C ASP D 34 -0.89 -18.95 -10.41
N VAL D 35 -1.46 -20.15 -10.29
CA VAL D 35 -2.82 -20.42 -10.74
C VAL D 35 -3.44 -21.47 -9.83
N ALA D 36 -4.77 -21.47 -9.78
CA ALA D 36 -5.53 -22.54 -9.16
C ALA D 36 -6.08 -23.46 -10.24
N VAL D 37 -6.09 -24.76 -9.96
CA VAL D 37 -6.51 -25.75 -10.95
C VAL D 37 -7.52 -26.67 -10.28
N LYS D 38 -8.74 -26.67 -10.78
CA LYS D 38 -9.74 -27.64 -10.37
C LYS D 38 -9.73 -28.74 -11.41
N MET D 39 -9.51 -29.97 -10.95
CA MET D 39 -9.20 -31.11 -11.79
C MET D 39 -10.01 -32.30 -11.31
N LEU D 40 -10.63 -33.01 -12.24
CA LEU D 40 -11.29 -34.27 -11.92
C LEU D 40 -10.31 -35.40 -12.14
N ASN D 41 -10.09 -36.18 -11.08
CA ASN D 41 -9.06 -37.21 -11.05
C ASN D 41 -9.55 -38.53 -11.66
N VAL D 42 -10.06 -38.48 -12.89
CA VAL D 42 -10.54 -39.67 -13.57
C VAL D 42 -9.87 -39.76 -14.93
N THR D 43 -9.53 -41.00 -15.32
CA THR D 43 -8.89 -41.24 -16.61
C THR D 43 -9.80 -40.87 -17.76
N ALA D 44 -11.03 -41.36 -17.75
CA ALA D 44 -11.98 -41.15 -18.85
C ALA D 44 -13.28 -40.56 -18.35
N PRO D 45 -13.57 -39.30 -18.68
CA PRO D 45 -14.78 -38.64 -18.19
C PRO D 45 -16.04 -39.31 -18.73
N THR D 46 -17.02 -39.51 -17.83
CA THR D 46 -18.28 -40.05 -18.29
C THR D 46 -19.10 -38.94 -18.93
N PRO D 47 -20.07 -39.27 -19.80
CA PRO D 47 -20.73 -38.21 -20.57
C PRO D 47 -21.42 -37.16 -19.73
N GLN D 48 -21.75 -37.47 -18.47
CA GLN D 48 -22.36 -36.46 -17.63
C GLN D 48 -21.29 -35.53 -17.10
N GLN D 49 -20.11 -36.09 -16.79
CA GLN D 49 -19.03 -35.26 -16.30
C GLN D 49 -18.51 -34.36 -17.41
N LEU D 50 -18.49 -34.84 -18.65
CA LEU D 50 -18.05 -34.00 -19.76
C LEU D 50 -19.09 -32.93 -20.09
N GLN D 51 -20.38 -33.25 -19.95
CA GLN D 51 -21.39 -32.23 -20.18
C GLN D 51 -21.32 -31.15 -19.10
N ALA D 52 -21.20 -31.56 -17.83
CA ALA D 52 -21.03 -30.62 -16.73
C ALA D 52 -19.79 -29.75 -16.92
N PHE D 53 -18.68 -30.36 -17.32
CA PHE D 53 -17.43 -29.62 -17.46
C PHE D 53 -17.51 -28.61 -18.59
N LYS D 54 -18.06 -29.00 -19.74
CA LYS D 54 -18.16 -28.05 -20.84
C LYS D 54 -19.21 -26.96 -20.53
N ASN D 55 -20.25 -27.31 -19.77
CA ASN D 55 -21.20 -26.30 -19.32
C ASN D 55 -20.52 -25.28 -18.40
N GLU D 56 -19.70 -25.76 -17.47
CA GLU D 56 -18.99 -24.85 -16.57
C GLU D 56 -18.02 -23.97 -17.33
N VAL D 57 -17.30 -24.53 -18.31
CA VAL D 57 -16.40 -23.69 -19.10
C VAL D 57 -17.19 -22.65 -19.87
N GLY D 58 -18.34 -23.04 -20.42
CA GLY D 58 -19.18 -22.09 -21.14
C GLY D 58 -19.65 -20.96 -20.26
N VAL D 59 -20.04 -21.27 -19.02
CA VAL D 59 -20.45 -20.24 -18.07
C VAL D 59 -19.28 -19.34 -17.74
N LEU D 60 -18.12 -19.93 -17.42
CA LEU D 60 -16.98 -19.14 -16.99
C LEU D 60 -16.48 -18.23 -18.10
N ARG D 61 -16.60 -18.66 -19.36
CA ARG D 61 -16.13 -17.78 -20.42
C ARG D 61 -17.02 -16.56 -20.61
N LYS D 62 -18.12 -16.48 -19.86
CA LYS D 62 -18.99 -15.32 -19.89
C LYS D 62 -18.78 -14.43 -18.68
N THR D 63 -17.88 -14.79 -17.78
CA THR D 63 -17.69 -14.05 -16.54
C THR D 63 -16.40 -13.28 -16.73
N ARG D 64 -16.47 -11.97 -16.57
CA ARG D 64 -15.26 -11.16 -16.68
C ARG D 64 -15.49 -9.95 -15.79
N HIS D 65 -15.17 -10.11 -14.50
CA HIS D 65 -15.51 -9.13 -13.48
C HIS D 65 -14.53 -9.24 -12.32
N VAL D 66 -14.23 -8.10 -11.70
CA VAL D 66 -13.23 -8.07 -10.64
C VAL D 66 -13.65 -8.91 -9.45
N ASN D 67 -14.97 -9.08 -9.22
CA ASN D 67 -15.46 -9.83 -8.07
C ASN D 67 -15.89 -11.25 -8.42
N ILE D 68 -15.54 -11.72 -9.62
CA ILE D 68 -15.71 -13.11 -10.01
C ILE D 68 -14.35 -13.76 -10.14
N LEU D 69 -14.17 -14.92 -9.50
CA LEU D 69 -12.94 -15.68 -9.64
C LEU D 69 -12.61 -15.83 -11.12
N LEU D 70 -11.49 -15.25 -11.53
CA LEU D 70 -11.21 -15.08 -12.95
C LEU D 70 -10.87 -16.42 -13.60
N PHE D 71 -11.75 -16.88 -14.48
CA PHE D 71 -11.46 -18.05 -15.29
C PHE D 71 -10.33 -17.67 -16.24
N MET D 72 -9.33 -18.53 -16.39
CA MET D 72 -8.19 -18.23 -17.24
C MET D 72 -8.03 -19.17 -18.42
N GLY D 73 -8.62 -20.35 -18.36
CA GLY D 73 -8.50 -21.32 -19.43
C GLY D 73 -8.95 -22.67 -18.94
N TYR D 74 -8.89 -23.65 -19.85
CA TYR D 74 -9.26 -25.01 -19.53
C TYR D 74 -8.30 -25.97 -20.22
N SER D 75 -8.25 -27.20 -19.71
CA SER D 75 -7.44 -28.24 -20.30
C SER D 75 -8.23 -29.54 -20.34
N THR D 76 -7.92 -30.37 -21.34
CA THR D 76 -8.56 -31.67 -21.48
C THR D 76 -7.57 -32.82 -21.60
N LYS D 77 -6.32 -32.58 -22.03
CA LYS D 77 -5.39 -33.64 -22.41
C LYS D 77 -5.20 -34.66 -21.28
N PRO D 78 -4.57 -34.31 -20.14
CA PRO D 78 -4.34 -35.34 -19.12
C PRO D 78 -5.64 -35.74 -18.46
N GLN D 79 -6.37 -34.73 -18.00
CA GLN D 79 -7.70 -34.83 -17.42
C GLN D 79 -8.35 -33.47 -17.59
N LEU D 80 -9.67 -33.43 -17.46
CA LEU D 80 -10.34 -32.17 -17.70
C LEU D 80 -10.05 -31.25 -16.54
N ALA D 81 -9.82 -29.97 -16.83
CA ALA D 81 -9.28 -29.09 -15.81
C ALA D 81 -9.69 -27.66 -16.13
N ILE D 82 -10.12 -26.95 -15.09
CA ILE D 82 -10.41 -25.53 -15.16
C ILE D 82 -9.31 -24.81 -14.38
N VAL D 83 -8.77 -23.75 -14.96
CA VAL D 83 -7.65 -23.04 -14.36
C VAL D 83 -8.09 -21.59 -14.16
N THR D 84 -7.86 -21.08 -12.95
CA THR D 84 -8.19 -19.72 -12.59
C THR D 84 -6.96 -19.06 -11.96
N GLN D 85 -7.10 -17.78 -11.68
CA GLN D 85 -6.10 -17.06 -10.91
C GLN D 85 -5.98 -17.62 -9.50
N TRP D 86 -4.80 -17.45 -8.91
CA TRP D 86 -4.57 -17.90 -7.55
C TRP D 86 -4.97 -16.74 -6.64
N CYS D 87 -5.67 -17.04 -5.55
CA CYS D 87 -6.06 -16.03 -4.57
C CYS D 87 -5.54 -16.34 -3.18
N GLU D 88 -4.55 -15.57 -2.73
CA GLU D 88 -3.92 -15.83 -1.44
C GLU D 88 -4.92 -15.53 -0.33
N GLY D 89 -5.33 -16.54 0.42
CA GLY D 89 -6.28 -16.29 1.48
C GLY D 89 -7.42 -17.28 1.52
N SER D 90 -7.91 -17.55 2.71
CA SER D 90 -8.98 -18.51 2.92
C SER D 90 -10.38 -18.01 2.60
N SER D 91 -11.32 -18.93 2.54
CA SER D 91 -12.72 -18.65 2.25
C SER D 91 -13.37 -17.81 3.31
N LEU D 92 -14.44 -17.11 2.95
CA LEU D 92 -15.12 -16.26 3.92
C LEU D 92 -15.63 -17.09 5.08
N TYR D 93 -16.05 -18.33 4.79
CA TYR D 93 -16.50 -19.26 5.82
C TYR D 93 -15.37 -19.53 6.81
N HIS D 94 -14.15 -19.67 6.28
CA HIS D 94 -12.98 -19.93 7.12
C HIS D 94 -12.76 -18.77 8.08
N HIS D 95 -12.67 -17.55 7.53
CA HIS D 95 -12.44 -16.37 8.35
C HIS D 95 -13.55 -16.15 9.38
N LEU D 96 -14.79 -16.49 9.03
CA LEU D 96 -15.90 -16.20 9.94
C LEU D 96 -16.05 -17.25 11.05
N HIS D 97 -15.93 -18.54 10.72
CA HIS D 97 -16.30 -19.58 11.67
C HIS D 97 -15.19 -20.54 12.10
N ALA D 98 -14.00 -20.46 11.52
CA ALA D 98 -12.92 -21.37 11.91
C ALA D 98 -11.74 -20.66 12.54
N SER D 99 -11.45 -19.42 12.11
CA SER D 99 -10.42 -18.59 12.70
C SER D 99 -11.01 -17.38 13.39
N GLU D 100 -12.31 -17.12 13.16
CA GLU D 100 -13.06 -16.02 13.77
C GLU D 100 -12.31 -14.69 13.65
N THR D 101 -11.75 -14.45 12.46
CA THR D 101 -11.07 -13.20 12.16
C THR D 101 -12.01 -12.03 12.45
N LYS D 102 -11.58 -11.11 13.30
CA LYS D 102 -12.46 -10.02 13.73
C LYS D 102 -12.48 -8.95 12.64
N PHE D 103 -13.55 -8.92 11.86
CA PHE D 103 -13.77 -7.91 10.84
C PHE D 103 -14.51 -6.72 11.43
N GLU D 104 -14.12 -5.51 11.01
CA GLU D 104 -14.90 -4.34 11.39
C GLU D 104 -16.19 -4.30 10.58
N MET D 105 -17.19 -3.60 11.10
CA MET D 105 -18.47 -3.51 10.41
C MET D 105 -18.34 -2.89 9.04
N LYS D 106 -17.40 -1.95 8.88
CA LYS D 106 -17.14 -1.34 7.57
C LYS D 106 -16.69 -2.38 6.56
N LYS D 107 -15.80 -3.28 6.97
CA LYS D 107 -15.32 -4.32 6.07
C LYS D 107 -16.41 -5.33 5.75
N LEU D 108 -17.28 -5.62 6.72
CA LEU D 108 -18.40 -6.51 6.45
C LEU D 108 -19.34 -5.90 5.42
N ILE D 109 -19.63 -4.60 5.55
CA ILE D 109 -20.46 -3.93 4.57
C ILE D 109 -19.78 -3.99 3.20
N ASP D 110 -18.47 -3.77 3.16
CA ASP D 110 -17.75 -3.81 1.89
C ASP D 110 -17.78 -5.21 1.27
N ILE D 111 -17.68 -6.25 2.09
CA ILE D 111 -17.74 -7.62 1.60
C ILE D 111 -19.11 -7.90 1.00
N ALA D 112 -20.16 -7.45 1.69
CA ALA D 112 -21.51 -7.64 1.15
C ALA D 112 -21.67 -6.87 -0.14
N ARG D 113 -21.10 -5.67 -0.21
CA ARG D 113 -21.20 -4.87 -1.43
C ARG D 113 -20.52 -5.55 -2.60
N GLN D 114 -19.34 -6.14 -2.37
CA GLN D 114 -18.64 -6.80 -3.46
C GLN D 114 -19.37 -8.06 -3.90
N THR D 115 -19.87 -8.86 -2.96
CA THR D 115 -20.65 -10.03 -3.35
C THR D 115 -21.88 -9.61 -4.15
N ALA D 116 -22.54 -8.52 -3.73
CA ALA D 116 -23.69 -8.01 -4.45
C ALA D 116 -23.31 -7.56 -5.86
N ARG D 117 -22.14 -6.94 -6.01
CA ARG D 117 -21.68 -6.59 -7.36
C ARG D 117 -21.47 -7.83 -8.20
N GLY D 118 -20.89 -8.86 -7.59
CA GLY D 118 -20.60 -10.08 -8.33
C GLY D 118 -21.88 -10.74 -8.84
N MET D 119 -22.90 -10.80 -7.99
CA MET D 119 -24.13 -11.43 -8.43
C MET D 119 -25.04 -10.48 -9.23
N ASP D 120 -24.87 -9.17 -9.11
CA ASP D 120 -25.49 -8.27 -10.08
C ASP D 120 -24.95 -8.52 -11.48
N TYR D 121 -23.62 -8.60 -11.60
CA TYR D 121 -23.01 -8.94 -12.89
C TYR D 121 -23.51 -10.29 -13.38
N LEU D 122 -23.49 -11.30 -12.50
CA LEU D 122 -23.90 -12.65 -12.88
C LEU D 122 -25.33 -12.65 -13.40
N HIS D 123 -26.26 -12.04 -12.66
CA HIS D 123 -27.65 -12.05 -13.06
C HIS D 123 -27.87 -11.19 -14.29
N ALA D 124 -27.02 -10.16 -14.48
CA ALA D 124 -27.14 -9.33 -15.67
C ALA D 124 -26.71 -10.09 -16.90
N LYS D 125 -25.90 -11.14 -16.74
CA LYS D 125 -25.64 -12.04 -17.85
C LYS D 125 -26.46 -13.31 -17.75
N SER D 126 -27.59 -13.25 -17.04
CA SER D 126 -28.55 -14.36 -16.91
C SER D 126 -27.87 -15.64 -16.41
N ILE D 127 -26.96 -15.48 -15.45
CA ILE D 127 -26.26 -16.61 -14.85
C ILE D 127 -26.79 -16.82 -13.45
N ILE D 128 -27.27 -18.03 -13.15
CA ILE D 128 -27.70 -18.44 -11.83
C ILE D 128 -26.66 -19.39 -11.26
N HIS D 129 -26.15 -19.07 -10.07
CA HIS D 129 -25.05 -19.85 -9.49
C HIS D 129 -25.57 -21.12 -8.83
N ARG D 130 -26.70 -21.03 -8.12
CA ARG D 130 -27.36 -22.16 -7.47
C ARG D 130 -26.53 -22.80 -6.36
N ASP D 131 -25.34 -22.27 -6.08
CA ASP D 131 -24.57 -22.75 -4.94
C ASP D 131 -23.81 -21.63 -4.24
N LEU D 132 -24.43 -20.45 -4.14
CA LEU D 132 -23.72 -19.32 -3.54
C LEU D 132 -23.69 -19.52 -2.03
N LYS D 133 -22.48 -19.56 -1.46
CA LYS D 133 -22.32 -19.73 -0.02
C LYS D 133 -20.98 -19.14 0.38
N SER D 134 -20.82 -18.91 1.69
CA SER D 134 -19.57 -18.32 2.16
C SER D 134 -18.35 -19.18 1.86
N ASN D 135 -18.54 -20.49 1.68
CA ASN D 135 -17.41 -21.34 1.32
C ASN D 135 -16.95 -21.05 -0.10
N ASN D 136 -17.86 -20.60 -0.97
CA ASN D 136 -17.54 -20.31 -2.36
C ASN D 136 -17.23 -18.83 -2.56
N ILE D 137 -16.94 -18.11 -1.49
CA ILE D 137 -16.55 -16.72 -1.54
C ILE D 137 -15.13 -16.65 -1.00
N PHE D 138 -14.20 -16.20 -1.83
CA PHE D 138 -12.78 -16.23 -1.51
C PHE D 138 -12.28 -14.80 -1.35
N LEU D 139 -11.36 -14.63 -0.41
CA LEU D 139 -10.78 -13.33 -0.13
C LEU D 139 -9.37 -13.29 -0.71
N HIS D 140 -9.12 -12.24 -1.48
CA HIS D 140 -7.86 -12.00 -2.15
C HIS D 140 -7.16 -10.98 -1.29
N GLU D 141 -6.16 -11.48 -0.57
CA GLU D 141 -5.31 -10.74 0.36
C GLU D 141 -6.16 -9.98 1.38
N ASP D 142 -7.26 -10.62 1.80
CA ASP D 142 -8.22 -10.02 2.74
C ASP D 142 -8.50 -8.58 2.33
N ASN D 143 -8.72 -8.39 1.04
CA ASN D 143 -9.00 -7.09 0.44
C ASN D 143 -10.03 -7.15 -0.68
N THR D 144 -10.10 -8.22 -1.47
CA THR D 144 -11.08 -8.30 -2.54
C THR D 144 -11.86 -9.61 -2.44
N VAL D 145 -13.14 -9.55 -2.77
CA VAL D 145 -14.02 -10.71 -2.75
C VAL D 145 -14.10 -11.30 -4.16
N LYS D 146 -14.13 -12.63 -4.24
CA LYS D 146 -14.10 -13.34 -5.50
C LYS D 146 -15.07 -14.50 -5.39
N ILE D 147 -16.09 -14.49 -6.25
CA ILE D 147 -17.07 -15.56 -6.26
C ILE D 147 -16.53 -16.71 -7.10
N GLY D 148 -16.62 -17.93 -6.57
CA GLY D 148 -16.04 -19.07 -7.27
C GLY D 148 -16.85 -20.34 -7.23
N ASP D 149 -16.26 -21.40 -7.77
CA ASP D 149 -16.88 -22.73 -7.86
C ASP D 149 -18.20 -22.67 -8.63
N PHE D 150 -18.07 -22.54 -9.96
CA PHE D 150 -19.22 -22.49 -10.85
C PHE D 150 -19.63 -23.84 -11.40
N GLY D 151 -19.35 -24.93 -10.67
CA GLY D 151 -19.71 -26.24 -11.20
C GLY D 151 -21.20 -26.46 -11.32
N LEU D 152 -22.00 -25.77 -10.50
CA LEU D 152 -23.45 -25.85 -10.53
C LEU D 152 -24.11 -24.62 -11.14
N ALA D 153 -23.34 -23.75 -11.80
CA ALA D 153 -23.97 -22.54 -12.31
C ALA D 153 -24.57 -22.83 -13.67
N THR D 154 -25.48 -21.95 -14.10
CA THR D 154 -26.05 -22.10 -15.42
C THR D 154 -26.50 -20.75 -15.99
N VAL D 155 -26.66 -20.78 -17.31
CA VAL D 155 -27.39 -19.76 -18.06
C VAL D 155 -28.84 -20.17 -18.02
N LYS D 156 -29.74 -19.22 -17.75
CA LYS D 156 -31.15 -19.60 -17.66
C LYS D 156 -31.72 -19.77 -19.05
N SER D 157 -32.01 -21.02 -19.37
CA SER D 157 -32.53 -21.47 -20.64
C SER D 157 -33.84 -22.20 -20.36
N ARG D 158 -34.73 -22.22 -21.35
CA ARG D 158 -36.02 -22.89 -21.20
C ARG D 158 -35.83 -24.35 -20.82
N TRP D 159 -34.99 -25.05 -21.59
CA TRP D 159 -34.72 -26.46 -21.33
C TRP D 159 -33.46 -26.61 -20.49
N SER D 160 -33.50 -26.09 -19.26
CA SER D 160 -32.36 -26.16 -18.36
C SER D 160 -32.20 -27.53 -17.72
N GLY D 161 -31.19 -28.26 -18.15
CA GLY D 161 -30.90 -29.60 -17.62
C GLY D 161 -30.33 -29.62 -16.21
N SER D 162 -30.39 -30.77 -15.53
CA SER D 162 -29.87 -30.93 -14.17
C SER D 162 -28.49 -30.33 -13.94
N LEU D 168 -26.61 -30.89 -4.91
CA LEU D 168 -26.71 -29.93 -3.83
C LEU D 168 -25.95 -30.42 -2.61
N SER D 169 -25.95 -31.74 -2.39
CA SER D 169 -25.16 -32.39 -1.35
C SER D 169 -25.58 -31.77 -0.01
N GLY D 170 -24.64 -31.39 0.84
CA GLY D 170 -25.00 -31.02 2.18
C GLY D 170 -25.05 -29.56 2.57
N SER D 171 -24.60 -28.64 1.71
CA SER D 171 -24.66 -27.24 2.11
C SER D 171 -26.10 -26.77 1.95
N ILE D 172 -26.91 -27.12 2.95
CA ILE D 172 -28.35 -26.91 2.90
C ILE D 172 -28.76 -25.50 3.32
N LEU D 173 -27.92 -24.80 4.08
CA LEU D 173 -28.33 -23.55 4.73
C LEU D 173 -28.41 -22.37 3.79
N TRP D 174 -27.90 -22.48 2.57
CA TRP D 174 -28.04 -21.41 1.61
C TRP D 174 -29.13 -21.73 0.58
N MET D 175 -29.77 -22.88 0.74
CA MET D 175 -30.82 -23.32 -0.17
C MET D 175 -32.11 -22.63 0.24
N ALA D 176 -32.80 -22.02 -0.71
CA ALA D 176 -34.07 -21.40 -0.41
C ALA D 176 -35.12 -22.46 -0.09
N PRO D 177 -36.13 -22.13 0.72
CA PRO D 177 -37.16 -23.13 1.06
C PRO D 177 -37.74 -23.83 -0.16
N GLU D 178 -38.05 -23.08 -1.22
CA GLU D 178 -38.57 -23.69 -2.43
C GLU D 178 -37.56 -24.67 -3.02
N VAL D 179 -36.26 -24.39 -2.88
CA VAL D 179 -35.26 -25.33 -3.39
C VAL D 179 -35.24 -26.60 -2.55
N ILE D 180 -35.59 -26.50 -1.27
CA ILE D 180 -35.64 -27.69 -0.41
C ILE D 180 -36.84 -28.53 -0.79
N ARG D 181 -37.96 -27.86 -1.02
CA ARG D 181 -39.23 -28.50 -1.34
C ARG D 181 -39.21 -29.20 -2.69
N MET D 182 -38.55 -28.59 -3.68
CA MET D 182 -38.42 -29.05 -5.07
C MET D 182 -39.81 -29.41 -5.62
N GLN D 183 -40.80 -28.82 -4.96
CA GLN D 183 -42.22 -28.87 -5.21
C GLN D 183 -42.65 -27.97 -6.37
N ASP D 184 -41.92 -26.87 -6.57
CA ASP D 184 -42.06 -25.92 -7.67
C ASP D 184 -41.42 -26.41 -8.97
N SER D 185 -41.93 -25.87 -10.08
CA SER D 185 -41.45 -26.26 -11.41
C SER D 185 -39.96 -25.96 -11.58
N ASN D 186 -39.51 -24.79 -11.16
CA ASN D 186 -38.10 -24.43 -11.23
C ASN D 186 -37.76 -23.85 -9.88
N PRO D 187 -37.19 -24.63 -8.94
CA PRO D 187 -36.90 -24.01 -7.65
C PRO D 187 -35.65 -23.17 -7.72
N TYR D 188 -34.75 -23.45 -8.66
CA TYR D 188 -33.55 -22.65 -8.76
C TYR D 188 -33.95 -21.38 -9.49
N SER D 189 -33.47 -20.23 -9.03
CA SER D 189 -33.89 -19.01 -9.70
C SER D 189 -32.97 -17.88 -9.26
N PHE D 190 -33.28 -16.68 -9.72
CA PHE D 190 -32.50 -15.53 -9.28
C PHE D 190 -32.74 -15.36 -7.79
N GLN D 191 -34.01 -15.59 -7.38
CA GLN D 191 -34.43 -15.47 -5.99
C GLN D 191 -33.73 -16.48 -5.10
N SER D 192 -33.53 -17.72 -5.58
CA SER D 192 -32.83 -18.69 -4.73
C SER D 192 -31.43 -18.19 -4.42
N ASP D 193 -30.78 -17.60 -5.42
CA ASP D 193 -29.46 -17.02 -5.20
C ASP D 193 -29.56 -15.85 -4.22
N VAL D 194 -30.60 -15.03 -4.36
CA VAL D 194 -30.83 -13.93 -3.44
C VAL D 194 -31.02 -14.43 -2.02
N TYR D 195 -31.66 -15.59 -1.85
CA TYR D 195 -31.83 -16.14 -0.51
C TYR D 195 -30.50 -16.64 0.04
N ALA D 196 -29.69 -17.27 -0.80
CA ALA D 196 -28.34 -17.64 -0.37
C ALA D 196 -27.55 -16.39 0.03
N PHE D 197 -27.70 -15.31 -0.74
CA PHE D 197 -27.07 -14.05 -0.41
C PHE D 197 -27.57 -13.52 0.94
N GLY D 198 -28.87 -13.61 1.17
CA GLY D 198 -29.40 -13.24 2.48
C GLY D 198 -28.74 -14.03 3.59
N ILE D 199 -28.53 -15.32 3.36
CA ILE D 199 -27.86 -16.15 4.36
C ILE D 199 -26.40 -15.73 4.55
N VAL D 200 -25.70 -15.33 3.48
CA VAL D 200 -24.31 -14.91 3.68
C VAL D 200 -24.27 -13.60 4.47
N LEU D 201 -25.22 -12.69 4.23
CA LEU D 201 -25.28 -11.50 5.07
C LEU D 201 -25.63 -11.85 6.51
N TYR D 202 -26.49 -12.86 6.71
CA TYR D 202 -26.75 -13.33 8.06
C TYR D 202 -25.44 -13.77 8.71
N GLU D 203 -24.63 -14.54 7.99
CA GLU D 203 -23.33 -14.97 8.52
C GLU D 203 -22.45 -13.78 8.85
N LEU D 204 -22.48 -12.76 7.99
CA LEU D 204 -21.63 -11.58 8.16
C LEU D 204 -22.04 -10.78 9.40
N MET D 205 -23.34 -10.61 9.63
CA MET D 205 -23.81 -9.76 10.72
C MET D 205 -23.97 -10.49 12.03
N THR D 206 -23.98 -11.83 12.00
CA THR D 206 -24.13 -12.68 13.17
C THR D 206 -22.80 -13.21 13.71
N GLY D 207 -21.89 -13.63 12.82
CA GLY D 207 -20.69 -14.28 13.26
C GLY D 207 -20.82 -15.79 13.36
N GLN D 208 -22.02 -16.30 13.15
CA GLN D 208 -22.37 -17.70 13.34
C GLN D 208 -23.10 -18.17 12.08
N LEU D 209 -23.21 -19.47 11.95
CA LEU D 209 -24.05 -20.06 10.93
C LEU D 209 -25.50 -19.99 11.39
N PRO D 210 -26.46 -19.98 10.47
CA PRO D 210 -27.86 -19.90 10.89
C PRO D 210 -28.31 -21.18 11.55
N TYR D 211 -29.39 -21.03 12.31
CA TYR D 211 -30.03 -22.11 13.05
C TYR D 211 -29.03 -22.78 13.99
N SER D 212 -28.28 -21.95 14.73
CA SER D 212 -27.22 -22.46 15.59
C SER D 212 -27.75 -23.22 16.80
N ASN D 213 -28.56 -22.54 17.62
CA ASN D 213 -29.15 -23.08 18.85
C ASN D 213 -30.33 -24.03 18.60
N ILE D 214 -30.02 -25.13 17.92
CA ILE D 214 -31.00 -26.15 17.56
C ILE D 214 -30.40 -27.53 17.80
N ASN D 215 -31.23 -28.39 18.38
CA ASN D 215 -30.87 -29.65 19.00
C ASN D 215 -30.93 -30.76 17.96
N ASN D 216 -31.92 -30.73 17.08
CA ASN D 216 -32.16 -31.79 16.12
C ASN D 216 -31.64 -31.26 14.79
N ARG D 217 -31.17 -32.14 13.92
CA ARG D 217 -30.54 -31.58 12.73
C ARG D 217 -31.25 -31.95 11.44
N ASP D 218 -31.70 -33.20 11.30
CA ASP D 218 -32.35 -33.68 10.09
C ASP D 218 -33.69 -32.97 9.85
N GLN D 219 -34.44 -32.70 10.92
CA GLN D 219 -35.69 -31.96 10.84
C GLN D 219 -35.51 -30.57 10.25
N ILE D 220 -34.47 -29.84 10.64
CA ILE D 220 -34.26 -28.45 10.21
C ILE D 220 -34.59 -28.29 8.72
N ILE D 221 -34.22 -29.27 7.90
CA ILE D 221 -34.59 -29.24 6.48
C ILE D 221 -36.11 -29.19 6.36
N GLU D 222 -36.80 -30.07 7.07
CA GLU D 222 -38.25 -30.17 7.03
C GLU D 222 -38.91 -28.86 7.46
N MET D 223 -38.38 -28.22 8.50
CA MET D 223 -39.01 -26.99 8.98
C MET D 223 -38.72 -25.81 8.05
N VAL D 224 -37.51 -25.70 7.50
CA VAL D 224 -37.33 -24.59 6.57
C VAL D 224 -38.17 -24.84 5.33
N GLY D 225 -38.31 -26.10 4.91
CA GLY D 225 -39.14 -26.39 3.75
C GLY D 225 -40.59 -26.00 3.99
N ARG D 226 -41.11 -26.34 5.17
CA ARG D 226 -42.47 -25.95 5.55
C ARG D 226 -42.60 -24.45 5.75
N GLY D 227 -41.53 -23.81 6.26
CA GLY D 227 -41.58 -22.42 6.66
C GLY D 227 -41.61 -22.25 8.16
N SER D 228 -41.71 -23.35 8.91
CA SER D 228 -41.64 -23.32 10.37
C SER D 228 -40.34 -22.68 10.87
N LEU D 229 -39.27 -22.75 10.08
CA LEU D 229 -37.96 -22.28 10.52
C LEU D 229 -37.46 -21.21 9.56
N SER D 230 -36.99 -20.11 10.13
CA SER D 230 -36.34 -19.02 9.43
C SER D 230 -35.20 -18.55 10.31
N PRO D 231 -34.19 -17.90 9.72
CA PRO D 231 -33.05 -17.45 10.52
C PRO D 231 -33.49 -16.52 11.64
N ASP D 232 -32.81 -16.62 12.77
CA ASP D 232 -33.12 -15.80 13.95
C ASP D 232 -32.34 -14.51 13.78
N LEU D 233 -33.05 -13.45 13.40
CA LEU D 233 -32.42 -12.16 13.17
C LEU D 233 -32.03 -11.45 14.46
N SER D 234 -32.48 -11.94 15.62
CA SER D 234 -32.10 -11.27 16.86
C SER D 234 -30.63 -11.47 17.20
N LYS D 235 -29.93 -12.39 16.55
CA LYS D 235 -28.53 -12.64 16.85
C LYS D 235 -27.60 -11.75 16.04
N VAL D 236 -28.14 -10.76 15.34
CA VAL D 236 -27.34 -9.79 14.61
C VAL D 236 -26.73 -8.82 15.60
N ARG D 237 -25.47 -8.46 15.37
CA ARG D 237 -24.78 -7.60 16.31
C ARG D 237 -25.35 -6.17 16.27
N SER D 238 -25.15 -5.46 17.37
CA SER D 238 -25.89 -4.22 17.63
C SER D 238 -25.46 -3.10 16.68
N ASN D 239 -24.21 -3.11 16.21
CA ASN D 239 -23.72 -2.05 15.33
C ASN D 239 -24.05 -2.30 13.87
N CYS D 240 -24.75 -3.38 13.56
CA CYS D 240 -25.14 -3.67 12.19
C CYS D 240 -26.13 -2.61 11.74
N PRO D 241 -25.88 -1.87 10.66
CA PRO D 241 -26.82 -0.84 10.22
C PRO D 241 -28.23 -1.41 10.05
N LYS D 242 -29.23 -0.59 10.38
CA LYS D 242 -30.60 -1.06 10.30
C LYS D 242 -31.01 -1.34 8.86
N ARG D 243 -30.49 -0.55 7.91
CA ARG D 243 -30.79 -0.80 6.52
C ARG D 243 -30.28 -2.18 6.09
N MET D 244 -29.10 -2.57 6.58
CA MET D 244 -28.56 -3.88 6.22
C MET D 244 -29.40 -5.02 6.78
N LYS D 245 -29.89 -4.88 8.03
CA LYS D 245 -30.74 -5.91 8.60
C LYS D 245 -32.05 -6.03 7.84
N ARG D 246 -32.63 -4.87 7.50
CA ARG D 246 -33.85 -4.89 6.69
C ARG D 246 -33.61 -5.53 5.34
N LEU D 247 -32.50 -5.18 4.67
CA LEU D 247 -32.21 -5.78 3.37
C LEU D 247 -32.04 -7.30 3.46
N MET D 248 -31.37 -7.78 4.51
CA MET D 248 -31.28 -9.23 4.68
C MET D 248 -32.67 -9.84 4.85
N ALA D 249 -33.51 -9.21 5.68
CA ALA D 249 -34.88 -9.69 5.85
C ALA D 249 -35.60 -9.73 4.51
N GLU D 250 -35.39 -8.71 3.67
CA GLU D 250 -36.05 -8.67 2.38
C GLU D 250 -35.57 -9.81 1.51
N CYS D 251 -34.27 -10.10 1.56
CA CYS D 251 -33.71 -11.16 0.73
C CYS D 251 -34.02 -12.54 1.27
N LEU D 252 -34.52 -12.66 2.50
CA LEU D 252 -34.77 -13.99 3.06
C LEU D 252 -36.25 -14.31 3.23
N LYS D 253 -37.15 -13.49 2.70
CA LYS D 253 -38.57 -13.77 2.89
C LYS D 253 -38.94 -15.11 2.25
N LYS D 254 -39.79 -15.87 2.95
CA LYS D 254 -40.18 -17.22 2.55
C LYS D 254 -40.69 -17.38 1.12
N LYS D 255 -41.35 -16.37 0.54
CA LYS D 255 -41.95 -16.50 -0.79
C LYS D 255 -41.17 -15.72 -1.85
N ARG D 256 -40.72 -16.43 -2.88
CA ARG D 256 -39.84 -15.92 -3.93
C ARG D 256 -40.22 -14.54 -4.45
N ASP D 257 -41.50 -14.23 -4.62
CA ASP D 257 -41.83 -12.97 -5.26
C ASP D 257 -41.80 -11.76 -4.35
N GLU D 258 -41.64 -11.92 -3.04
CA GLU D 258 -41.43 -10.76 -2.17
C GLU D 258 -39.96 -10.37 -2.02
N ARG D 259 -39.06 -11.11 -2.64
CA ARG D 259 -37.63 -10.82 -2.55
C ARG D 259 -37.19 -9.81 -3.61
N PRO D 260 -36.20 -8.97 -3.27
CA PRO D 260 -35.70 -7.97 -4.22
C PRO D 260 -34.75 -8.57 -5.26
N SER D 261 -34.46 -7.76 -6.28
CA SER D 261 -33.51 -8.10 -7.33
C SER D 261 -32.15 -7.51 -7.01
N PHE D 262 -31.12 -8.10 -7.60
CA PHE D 262 -29.76 -7.67 -7.31
C PHE D 262 -29.42 -6.25 -7.73
N PRO D 263 -30.00 -5.65 -8.78
CA PRO D 263 -29.74 -4.22 -8.98
C PRO D 263 -30.14 -3.39 -7.77
N ARG D 264 -31.26 -3.73 -7.14
CA ARG D 264 -31.75 -2.98 -5.99
C ARG D 264 -30.97 -3.31 -4.73
N ILE D 265 -30.58 -4.57 -4.58
CA ILE D 265 -29.70 -4.96 -3.47
C ILE D 265 -28.39 -4.20 -3.57
N LEU D 266 -27.81 -4.19 -4.78
CA LEU D 266 -26.53 -3.51 -4.98
C LEU D 266 -26.67 -2.02 -4.72
N ALA D 267 -27.74 -1.41 -5.24
CA ALA D 267 -27.95 0.02 -5.05
C ALA D 267 -28.10 0.35 -3.56
N GLU D 268 -28.82 -0.48 -2.82
CA GLU D 268 -29.02 -0.16 -1.43
C GLU D 268 -27.77 -0.40 -0.60
N ILE D 269 -27.01 -1.46 -0.91
CA ILE D 269 -25.74 -1.67 -0.21
C ILE D 269 -24.76 -0.56 -0.54
N GLU D 270 -24.84 -0.01 -1.74
CA GLU D 270 -23.90 1.03 -2.13
C GLU D 270 -24.25 2.29 -1.39
N GLU D 271 -25.55 2.58 -1.31
CA GLU D 271 -26.03 3.77 -0.63
C GLU D 271 -25.66 3.77 0.86
N LEU D 272 -25.74 2.62 1.52
CA LEU D 272 -25.41 2.52 2.94
C LEU D 272 -23.94 2.80 3.21
N ALA D 273 -23.08 2.41 2.28
CA ALA D 273 -21.64 2.61 2.41
C ALA D 273 -21.29 4.09 2.37
N ARG D 274 -22.05 4.90 1.63
CA ARG D 274 -21.82 6.34 1.66
C ARG D 274 -22.28 6.99 2.97
N GLU D 275 -23.34 6.50 3.64
CA GLU D 275 -23.66 7.13 4.90
C GLU D 275 -22.87 6.55 6.07
N LEU D 276 -21.89 5.69 5.78
CA LEU D 276 -21.04 5.06 6.81
C LEU D 276 -20.00 6.10 7.16
N PRO D 277 -19.67 6.38 8.43
CA PRO D 277 -18.71 7.45 8.59
C PRO D 277 -17.36 7.04 8.02
N LYS D 278 -16.58 8.03 7.64
CA LYS D 278 -15.26 7.81 7.07
C LYS D 278 -14.25 7.39 8.14
N ILE D 279 -13.34 6.50 7.76
CA ILE D 279 -12.30 6.01 8.66
C ILE D 279 -11.04 6.90 8.59
N HIS D 280 -10.41 7.02 7.42
CA HIS D 280 -9.23 7.82 7.15
C HIS D 280 -9.59 9.30 7.22
N ARG D 281 -8.60 10.21 7.19
CA ARG D 281 -8.88 11.65 7.11
C ARG D 281 -8.63 12.13 5.68
N SER D 282 -8.82 13.43 5.45
CA SER D 282 -8.59 14.07 4.16
C SER D 282 -7.10 13.96 3.80
N ALA D 283 -6.75 14.29 2.56
CA ALA D 283 -5.35 14.20 2.16
C ALA D 283 -4.96 15.59 1.63
N GLU D 285 -1.89 18.74 0.77
CA GLU D 285 -0.63 18.88 0.04
C GLU D 285 0.58 18.43 0.82
N PRO D 286 1.19 17.34 0.36
CA PRO D 286 2.38 16.73 0.95
C PRO D 286 3.59 17.59 0.68
N SER D 287 4.59 17.47 1.54
CA SER D 287 5.80 18.24 1.40
C SER D 287 6.52 17.87 0.13
N LEU D 288 7.00 18.86 -0.59
CA LEU D 288 7.70 18.61 -1.83
C LEU D 288 9.06 18.00 -1.53
#